data_3K84
#
_entry.id   3K84
#
_cell.length_a   104.050
_cell.length_b   104.050
_cell.length_c   255.320
_cell.angle_alpha   90.00
_cell.angle_beta   90.00
_cell.angle_gamma   120.00
#
_symmetry.space_group_name_H-M   'P 32 2 1'
#
loop_
_entity.id
_entity.type
_entity.pdbx_description
1 polymer 'Fatty-acid amide hydrolase 1'
2 non-polymer (9Z)-1-(5-pyridin-2-yl-1,3,4-oxadiazol-2-yl)octadec-9-en-1-one
3 non-polymer 'CHLORIDE ION'
4 water water
#
_entity_poly.entity_id   1
_entity_poly.type   'polypeptide(L)'
_entity_poly.pdbx_seq_one_letter_code
;MGSSHHHHHHSSGLVPRGSHMASRWTGRQKARGAATRARQKQRASLETMDKAVQRFRLQNPDLDSEALLTLPLLQLVQKL
QSGELSPEAVFFTYLGKAWEVNKGTNCVTSYLTDCETQLSQAPRQGLLYGVPVSLKECFSYKGHDSTLGLSLNEGMPSES
DCVVVQVLKLQGAVPFVHTNVPQSMFSYDCSNPLFGQTMNPWKSSKSPGGSSGGEGALIGSGGSPLGLGTDIGGSIRFPS
AFCGICGLKPTGNRLSKSGLKGCVYGQTAVQLSLGPMARDVESLALCLKALLCEHLFTLDPTVPPLPFREEVYRSSRPLR
VGYYETDNYTMPSPAMRRALIETKQRLEAAGHTLIPFLPNNIPYALEVLSTGGLFSDGGRSFLQNFKGDFVDPCLGDLIL
ILRLPSWFKRLLSLLLKPLFPRLAAFLNNMRPRSAEKLWKLQHEIEMYRQSVIAQWKAMNLDVLLTPMLGPALDLNTPGR
ATGAVSYTMLYNCLDFPAGVVPVTTVTAEDDAQMELYKGYFGDIWDIILKKAMKNSVGLPVAVQCVALPWQEELCLRFMR
EVEQLMTPQKQPS
;
_entity_poly.pdbx_strand_id   A,B
#
# COMPACT_ATOMS: atom_id res chain seq x y z
N GLY A 27 -30.67 -27.45 11.16
CA GLY A 27 -31.54 -26.44 10.48
C GLY A 27 -30.90 -26.04 9.18
N ARG A 28 -31.13 -26.83 8.14
CA ARG A 28 -30.42 -26.70 6.86
C ARG A 28 -31.34 -26.55 5.64
N GLN A 29 -32.60 -26.16 5.85
CA GLN A 29 -33.56 -26.02 4.74
C GLN A 29 -33.02 -24.98 3.74
N LYS A 30 -32.47 -23.89 4.26
CA LYS A 30 -31.90 -22.81 3.47
C LYS A 30 -30.66 -23.25 2.65
N ALA A 31 -29.73 -23.92 3.33
CA ALA A 31 -28.52 -24.46 2.71
C ALA A 31 -28.83 -25.48 1.59
N ARG A 32 -29.80 -26.36 1.83
CA ARG A 32 -30.22 -27.33 0.82
C ARG A 32 -30.82 -26.67 -0.42
N GLY A 33 -31.68 -25.67 -0.20
CA GLY A 33 -32.30 -24.91 -1.29
C GLY A 33 -31.27 -24.20 -2.16
N ALA A 34 -30.30 -23.56 -1.52
CA ALA A 34 -29.19 -22.92 -2.24
C ALA A 34 -28.44 -23.92 -3.09
N ALA A 35 -28.13 -25.09 -2.50
CA ALA A 35 -27.43 -26.17 -3.23
C ALA A 35 -28.27 -26.63 -4.44
N THR A 36 -29.57 -26.80 -4.24
CA THR A 36 -30.44 -27.24 -5.32
C THR A 36 -30.46 -26.23 -6.47
N ARG A 37 -30.58 -24.95 -6.13
CA ARG A 37 -30.58 -23.88 -7.14
C ARG A 37 -29.25 -23.71 -7.84
N ALA A 38 -28.16 -23.64 -7.06
CA ALA A 38 -26.80 -23.57 -7.62
C ALA A 38 -26.54 -24.65 -8.68
N ARG A 39 -26.89 -25.89 -8.34
CA ARG A 39 -26.68 -27.03 -9.24
C ARG A 39 -27.48 -26.97 -10.53
N GLN A 40 -28.70 -26.45 -10.45
CA GLN A 40 -29.51 -26.30 -11.66
C GLN A 40 -28.90 -25.24 -12.58
N LYS A 41 -28.39 -24.16 -11.99
CA LYS A 41 -27.71 -23.11 -12.75
C LYS A 41 -26.43 -23.60 -13.44
N GLN A 42 -25.63 -24.37 -12.71
CA GLN A 42 -24.47 -25.02 -13.28
C GLN A 42 -24.87 -25.98 -14.41
N ARG A 43 -25.85 -26.84 -14.12
CA ARG A 43 -26.41 -27.78 -15.11
C ARG A 43 -26.86 -27.06 -16.40
N ALA A 44 -27.63 -25.99 -16.24
CA ALA A 44 -28.09 -25.18 -17.36
C ALA A 44 -26.96 -24.50 -18.13
N SER A 45 -25.96 -23.99 -17.41
CA SER A 45 -24.78 -23.38 -18.04
C SER A 45 -24.03 -24.35 -18.93
N LEU A 46 -23.81 -25.55 -18.41
CA LEU A 46 -23.11 -26.59 -19.15
C LEU A 46 -23.88 -27.02 -20.40
N GLU A 47 -25.20 -27.08 -20.31
CA GLU A 47 -26.05 -27.41 -21.46
C GLU A 47 -25.98 -26.34 -22.53
N THR A 48 -26.06 -25.07 -22.12
CA THR A 48 -25.88 -23.94 -23.04
C THR A 48 -24.54 -23.98 -23.76
N MET A 49 -23.49 -24.39 -23.04
CA MET A 49 -22.17 -24.53 -23.66
C MET A 49 -22.22 -25.63 -24.72
N ASP A 50 -22.81 -26.76 -24.37
CA ASP A 50 -22.89 -27.91 -25.27
C ASP A 50 -23.62 -27.57 -26.57
N LYS A 51 -24.80 -26.97 -26.44
CA LYS A 51 -25.56 -26.52 -27.60
C LYS A 51 -24.76 -25.57 -28.49
N ALA A 52 -24.10 -24.58 -27.88
CA ALA A 52 -23.24 -23.62 -28.59
C ALA A 52 -22.08 -24.31 -29.32
N VAL A 53 -21.46 -25.27 -28.65
CA VAL A 53 -20.32 -25.99 -29.22
C VAL A 53 -20.74 -26.88 -30.38
N GLN A 54 -21.87 -27.59 -30.24
CA GLN A 54 -22.33 -28.48 -31.29
C GLN A 54 -22.73 -27.72 -32.56
N ARG A 55 -23.36 -26.58 -32.41
CA ARG A 55 -23.77 -25.71 -33.49
C ARG A 55 -22.57 -25.28 -34.27
N PHE A 56 -21.56 -24.80 -33.57
CA PHE A 56 -20.35 -24.33 -34.21
C PHE A 56 -19.64 -25.46 -34.97
N ARG A 57 -19.49 -26.61 -34.31
CA ARG A 57 -18.81 -27.76 -34.91
C ARG A 57 -19.46 -28.22 -36.21
N LEU A 58 -20.79 -28.16 -36.30
CA LEU A 58 -21.47 -28.57 -37.52
C LEU A 58 -21.20 -27.60 -38.68
N GLN A 59 -20.90 -26.34 -38.37
CA GLN A 59 -20.55 -25.36 -39.39
C GLN A 59 -19.06 -25.39 -39.74
N ASN A 60 -18.25 -26.07 -38.92
CA ASN A 60 -16.80 -26.06 -39.08
C ASN A 60 -16.20 -27.46 -38.92
N PRO A 61 -16.65 -28.40 -39.76
CA PRO A 61 -16.22 -29.80 -39.66
C PRO A 61 -14.72 -30.02 -39.95
N ASP A 62 -14.09 -29.09 -40.66
CA ASP A 62 -12.70 -29.26 -41.10
C ASP A 62 -11.67 -28.56 -40.22
N LEU A 63 -12.15 -27.79 -39.25
CA LEU A 63 -11.27 -27.10 -38.32
C LEU A 63 -10.40 -28.12 -37.57
N ASP A 64 -9.09 -27.86 -37.52
CA ASP A 64 -8.13 -28.69 -36.80
C ASP A 64 -8.08 -28.16 -35.37
N SER A 65 -9.01 -28.64 -34.54
CA SER A 65 -9.16 -28.16 -33.18
C SER A 65 -7.98 -28.52 -32.29
N GLU A 66 -7.41 -29.70 -32.52
CA GLU A 66 -6.24 -30.18 -31.77
C GLU A 66 -5.07 -29.23 -31.94
N ALA A 67 -4.76 -28.92 -33.20
CA ALA A 67 -3.74 -27.93 -33.55
C ALA A 67 -3.98 -26.60 -32.85
N LEU A 68 -5.22 -26.14 -32.87
CA LEU A 68 -5.60 -24.86 -32.27
C LEU A 68 -5.45 -24.91 -30.75
N LEU A 69 -5.92 -26.00 -30.14
CA LEU A 69 -5.88 -26.15 -28.68
C LEU A 69 -4.47 -26.30 -28.10
N THR A 70 -3.53 -26.76 -28.91
CA THR A 70 -2.16 -27.00 -28.44
C THR A 70 -1.20 -25.86 -28.79
N LEU A 71 -1.68 -24.84 -29.51
CA LEU A 71 -0.87 -23.65 -29.78
C LEU A 71 -0.55 -22.95 -28.46
N PRO A 72 0.73 -22.64 -28.21
CA PRO A 72 1.04 -21.77 -27.07
C PRO A 72 0.29 -20.45 -27.21
N LEU A 73 -0.12 -19.87 -26.09
CA LEU A 73 -0.94 -18.63 -26.10
C LEU A 73 -0.32 -17.53 -26.94
N LEU A 74 1.00 -17.34 -26.87
CA LEU A 74 1.66 -16.33 -27.71
C LEU A 74 1.35 -16.49 -29.19
N GLN A 75 1.36 -17.73 -29.66
CA GLN A 75 1.15 -18.01 -31.07
C GLN A 75 -0.34 -17.90 -31.40
N LEU A 76 -1.19 -18.40 -30.52
CA LEU A 76 -2.63 -18.22 -30.64
C LEU A 76 -2.97 -16.73 -30.78
N VAL A 77 -2.36 -15.91 -29.93
CA VAL A 77 -2.59 -14.45 -29.96
C VAL A 77 -2.15 -13.84 -31.29
N GLN A 78 -1.00 -14.26 -31.80
CA GLN A 78 -0.49 -13.77 -33.07
C GLN A 78 -1.45 -14.09 -34.22
N LYS A 79 -1.95 -15.32 -34.27
CA LYS A 79 -2.86 -15.72 -35.35
C LYS A 79 -4.22 -15.05 -35.25
N LEU A 80 -4.64 -14.72 -34.03
CA LEU A 80 -5.85 -13.95 -33.84
C LEU A 80 -5.66 -12.52 -34.36
N GLN A 81 -4.52 -11.93 -34.02
CA GLN A 81 -4.21 -10.55 -34.40
C GLN A 81 -4.02 -10.42 -35.91
N SER A 82 -3.42 -11.43 -36.54
CA SER A 82 -3.22 -11.41 -37.99
C SER A 82 -4.50 -11.70 -38.77
N GLY A 83 -5.44 -12.40 -38.15
CA GLY A 83 -6.66 -12.84 -38.82
C GLY A 83 -6.62 -14.28 -39.30
N GLU A 84 -5.48 -14.95 -39.11
CA GLU A 84 -5.35 -16.35 -39.54
C GLU A 84 -6.32 -17.25 -38.82
N LEU A 85 -6.52 -17.01 -37.52
CA LEU A 85 -7.56 -17.66 -36.74
C LEU A 85 -8.65 -16.65 -36.41
N SER A 86 -9.91 -17.07 -36.53
CA SER A 86 -11.04 -16.20 -36.17
C SER A 86 -11.29 -16.31 -34.68
N PRO A 87 -11.80 -15.23 -34.06
CA PRO A 87 -12.12 -15.28 -32.63
C PRO A 87 -13.14 -16.38 -32.32
N GLU A 88 -14.07 -16.63 -33.24
CA GLU A 88 -15.12 -17.64 -33.04
C GLU A 88 -14.54 -19.06 -33.04
N ALA A 89 -13.59 -19.33 -33.95
CA ALA A 89 -12.92 -20.64 -33.99
C ALA A 89 -12.22 -20.92 -32.67
N VAL A 90 -11.45 -19.96 -32.19
CA VAL A 90 -10.75 -20.11 -30.93
C VAL A 90 -11.71 -20.24 -29.75
N PHE A 91 -12.74 -19.40 -29.70
CA PHE A 91 -13.69 -19.43 -28.60
C PHE A 91 -14.48 -20.74 -28.48
N PHE A 92 -15.11 -21.15 -29.57
CA PHE A 92 -15.97 -22.34 -29.53
C PHE A 92 -15.16 -23.65 -29.44
N THR A 93 -13.90 -23.60 -29.86
CA THR A 93 -13.00 -24.76 -29.75
C THR A 93 -12.54 -24.92 -28.28
N TYR A 94 -12.11 -23.83 -27.65
CA TYR A 94 -11.82 -23.86 -26.21
C TYR A 94 -13.06 -24.15 -25.36
N LEU A 95 -14.21 -23.64 -25.79
CA LEU A 95 -15.46 -23.88 -25.07
C LEU A 95 -15.81 -25.36 -25.11
N GLY A 96 -15.64 -25.99 -26.26
CA GLY A 96 -15.83 -27.42 -26.40
C GLY A 96 -14.92 -28.20 -25.46
N LYS A 97 -13.65 -27.82 -25.43
CA LYS A 97 -12.66 -28.47 -24.56
C LYS A 97 -12.98 -28.29 -23.08
N ALA A 98 -13.35 -27.07 -22.70
CA ALA A 98 -13.71 -26.74 -21.31
C ALA A 98 -14.87 -27.62 -20.85
N TRP A 99 -15.89 -27.76 -21.70
CA TRP A 99 -17.03 -28.62 -21.44
C TRP A 99 -16.61 -30.08 -21.29
N GLU A 100 -15.77 -30.54 -22.21
CA GLU A 100 -15.28 -31.93 -22.19
C GLU A 100 -14.50 -32.26 -20.92
N VAL A 101 -13.57 -31.37 -20.57
CA VAL A 101 -12.68 -31.60 -19.43
C VAL A 101 -13.42 -31.36 -18.11
N ASN A 102 -14.47 -30.56 -18.12
CA ASN A 102 -15.30 -30.42 -16.92
C ASN A 102 -15.97 -31.75 -16.49
N LYS A 103 -16.22 -32.63 -17.46
CA LYS A 103 -16.86 -33.91 -17.17
C LYS A 103 -16.14 -34.70 -16.07
N GLY A 104 -14.82 -34.71 -16.14
CA GLY A 104 -14.00 -35.46 -15.18
C GLY A 104 -13.49 -34.63 -14.02
N THR A 105 -13.69 -33.31 -14.07
CA THR A 105 -13.08 -32.41 -13.10
C THR A 105 -14.07 -31.60 -12.26
N ASN A 106 -15.26 -31.30 -12.78
CA ASN A 106 -16.23 -30.42 -12.09
C ASN A 106 -15.56 -29.10 -11.70
N CYS A 107 -14.94 -28.45 -12.69
CA CYS A 107 -14.19 -27.22 -12.43
C CYS A 107 -14.98 -25.97 -12.74
N VAL A 108 -16.00 -26.11 -13.58
CA VAL A 108 -16.78 -24.98 -14.06
C VAL A 108 -18.05 -24.85 -13.26
N THR A 109 -18.30 -23.67 -12.69
CA THR A 109 -19.56 -23.41 -11.98
C THR A 109 -20.60 -22.70 -12.85
N SER A 110 -20.15 -21.86 -13.77
CA SER A 110 -21.04 -21.00 -14.54
C SER A 110 -20.44 -20.63 -15.89
N TYR A 111 -21.30 -20.61 -16.92
CA TYR A 111 -20.97 -20.11 -18.26
C TYR A 111 -21.35 -18.65 -18.28
N LEU A 112 -20.40 -17.79 -18.61
CA LEU A 112 -20.62 -16.35 -18.62
C LEU A 112 -21.31 -15.98 -19.95
N THR A 113 -22.62 -16.17 -19.99
CA THR A 113 -23.43 -16.18 -21.23
C THR A 113 -23.29 -14.96 -22.13
N ASP A 114 -23.06 -13.78 -21.61
CA ASP A 114 -22.93 -12.70 -22.55
C ASP A 114 -21.64 -12.65 -23.35
N CYS A 115 -20.74 -13.58 -23.10
CA CYS A 115 -19.42 -13.50 -23.74
C CYS A 115 -19.38 -13.68 -25.25
N GLU A 116 -20.47 -14.15 -25.86
CA GLU A 116 -20.56 -14.26 -27.32
C GLU A 116 -20.80 -12.89 -28.00
N THR A 117 -21.54 -12.01 -27.33
CA THR A 117 -21.66 -10.62 -27.78
C THR A 117 -20.35 -9.85 -27.55
N GLN A 118 -19.64 -10.17 -26.45
CA GLN A 118 -18.31 -9.61 -26.16
C GLN A 118 -17.27 -10.07 -27.20
N LEU A 119 -17.37 -11.34 -27.59
CA LEU A 119 -16.52 -11.89 -28.64
C LEU A 119 -16.68 -11.09 -29.94
N SER A 120 -17.91 -10.68 -30.24
CA SER A 120 -18.16 -9.90 -31.46
C SER A 120 -17.82 -8.41 -31.34
N GLN A 121 -17.64 -7.92 -30.12
CA GLN A 121 -17.33 -6.51 -29.88
C GLN A 121 -15.88 -6.31 -29.41
N ALA A 122 -15.09 -7.40 -29.38
CA ALA A 122 -13.72 -7.37 -28.83
C ALA A 122 -12.85 -6.34 -29.55
N PRO A 123 -12.32 -5.33 -28.81
CA PRO A 123 -11.41 -4.35 -29.43
C PRO A 123 -10.24 -5.00 -30.18
N ARG A 124 -10.10 -4.62 -31.45
CA ARG A 124 -9.34 -5.39 -32.43
C ARG A 124 -7.83 -5.33 -32.23
N GLN A 125 -7.34 -4.21 -31.71
CA GLN A 125 -5.93 -4.08 -31.38
C GLN A 125 -5.62 -4.41 -29.91
N GLY A 126 -6.62 -4.91 -29.17
CA GLY A 126 -6.38 -5.33 -27.81
C GLY A 126 -5.27 -6.38 -27.76
N LEU A 127 -4.44 -6.30 -26.73
CA LEU A 127 -3.30 -7.21 -26.59
C LEU A 127 -3.70 -8.66 -26.34
N LEU A 128 -4.94 -8.87 -25.90
CA LEU A 128 -5.50 -10.19 -25.74
C LEU A 128 -6.69 -10.44 -26.68
N TYR A 129 -6.70 -9.77 -27.83
CA TYR A 129 -7.79 -9.91 -28.79
C TYR A 129 -8.16 -11.38 -29.10
N GLY A 130 -9.37 -11.78 -28.72
CA GLY A 130 -9.89 -13.11 -29.06
C GLY A 130 -9.56 -14.23 -28.09
N VAL A 131 -8.76 -13.95 -27.08
CA VAL A 131 -8.34 -14.98 -26.13
C VAL A 131 -9.44 -15.24 -25.11
N PRO A 132 -9.92 -16.51 -25.03
CA PRO A 132 -10.81 -16.91 -23.94
C PRO A 132 -10.08 -16.99 -22.59
N VAL A 133 -10.68 -16.39 -21.56
CA VAL A 133 -10.08 -16.34 -20.24
C VAL A 133 -11.05 -16.91 -19.21
N SER A 134 -10.53 -17.80 -18.38
CA SER A 134 -11.32 -18.42 -17.32
C SER A 134 -11.13 -17.60 -16.05
N LEU A 135 -12.17 -17.51 -15.24
CA LEU A 135 -12.16 -16.69 -14.04
C LEU A 135 -12.53 -17.46 -12.80
N LYS A 136 -11.69 -17.39 -11.78
CA LYS A 136 -12.08 -17.84 -10.45
C LYS A 136 -13.38 -17.16 -10.08
N GLU A 137 -14.24 -17.89 -9.39
CA GLU A 137 -15.62 -17.46 -9.14
C GLU A 137 -15.74 -16.14 -8.37
N CYS A 138 -14.68 -15.73 -7.68
CA CYS A 138 -14.72 -14.51 -6.85
C CYS A 138 -14.55 -13.21 -7.63
N PHE A 139 -14.18 -13.32 -8.91
CA PHE A 139 -14.07 -12.16 -9.81
C PHE A 139 -15.48 -11.77 -10.25
N SER A 140 -15.99 -10.67 -9.72
CA SER A 140 -17.38 -10.28 -10.00
C SER A 140 -17.61 -10.13 -11.51
N TYR A 141 -18.67 -10.79 -12.00
CA TYR A 141 -19.08 -10.69 -13.39
C TYR A 141 -20.57 -10.35 -13.44
N LYS A 142 -20.92 -9.27 -14.14
CA LYS A 142 -22.30 -8.77 -14.17
C LYS A 142 -23.32 -9.87 -14.51
N GLY A 143 -24.31 -10.04 -13.61
CA GLY A 143 -25.40 -10.99 -13.82
C GLY A 143 -25.19 -12.33 -13.15
N HIS A 144 -23.98 -12.53 -12.61
CA HIS A 144 -23.59 -13.83 -12.10
C HIS A 144 -23.22 -13.76 -10.63
N ASP A 145 -23.57 -14.83 -9.90
CA ASP A 145 -23.21 -14.95 -8.49
C ASP A 145 -21.71 -15.09 -8.31
N SER A 146 -21.24 -14.65 -7.16
CA SER A 146 -19.93 -15.05 -6.62
C SER A 146 -20.21 -15.66 -5.26
N THR A 147 -20.57 -16.95 -5.28
CA THR A 147 -21.07 -17.63 -4.09
C THR A 147 -19.96 -17.89 -3.08
N LEU A 148 -18.76 -18.19 -3.58
CA LEU A 148 -17.66 -18.70 -2.76
C LEU A 148 -18.03 -20.04 -2.11
N GLY A 149 -18.97 -20.78 -2.69
CA GLY A 149 -19.48 -22.00 -2.05
C GLY A 149 -20.39 -21.82 -0.83
N LEU A 150 -20.80 -20.58 -0.54
CA LEU A 150 -21.58 -20.24 0.64
C LEU A 150 -23.05 -19.95 0.30
N SER A 151 -23.97 -20.58 1.02
CA SER A 151 -25.40 -20.39 0.78
C SER A 151 -25.83 -18.92 0.84
N LEU A 152 -25.17 -18.13 1.68
CA LEU A 152 -25.58 -16.74 1.89
C LEU A 152 -25.34 -15.86 0.67
N ASN A 153 -24.40 -16.27 -0.19
CA ASN A 153 -24.10 -15.57 -1.44
C ASN A 153 -24.78 -16.14 -2.69
N GLU A 154 -25.61 -17.16 -2.51
CA GLU A 154 -26.32 -17.78 -3.62
C GLU A 154 -27.56 -16.95 -3.97
N GLY A 155 -27.77 -16.72 -5.26
CA GLY A 155 -28.88 -15.89 -5.74
C GLY A 155 -28.69 -14.41 -5.43
N MET A 156 -27.43 -13.96 -5.41
CA MET A 156 -27.10 -12.56 -5.17
C MET A 156 -26.14 -12.12 -6.27
N PRO A 157 -26.65 -12.00 -7.51
CA PRO A 157 -25.76 -11.77 -8.65
C PRO A 157 -25.07 -10.42 -8.64
N SER A 158 -23.83 -10.43 -9.11
CA SER A 158 -23.05 -9.21 -9.26
C SER A 158 -23.75 -8.25 -10.20
N GLU A 159 -23.61 -6.95 -9.94
CA GLU A 159 -24.23 -5.93 -10.77
C GLU A 159 -23.22 -5.22 -11.67
N SER A 160 -21.94 -5.60 -11.58
CA SER A 160 -20.96 -5.09 -12.52
C SER A 160 -19.71 -5.96 -12.53
N ASP A 161 -18.99 -5.90 -13.64
CA ASP A 161 -17.71 -6.57 -13.76
C ASP A 161 -16.70 -5.92 -12.82
N CYS A 162 -15.88 -6.72 -12.16
CA CYS A 162 -14.77 -6.17 -11.38
C CYS A 162 -13.77 -5.50 -12.34
N VAL A 163 -12.88 -4.69 -11.78
CA VAL A 163 -11.99 -3.86 -12.58
C VAL A 163 -11.14 -4.72 -13.51
N VAL A 164 -10.54 -5.79 -13.01
CA VAL A 164 -9.70 -6.61 -13.90
C VAL A 164 -10.49 -7.28 -15.01
N VAL A 165 -11.75 -7.62 -14.77
CA VAL A 165 -12.61 -8.13 -15.86
C VAL A 165 -12.89 -7.06 -16.93
N GLN A 166 -13.12 -5.82 -16.51
CA GLN A 166 -13.29 -4.71 -17.46
C GLN A 166 -12.06 -4.51 -18.34
N VAL A 167 -10.88 -4.52 -17.72
CA VAL A 167 -9.59 -4.37 -18.43
C VAL A 167 -9.30 -5.51 -19.42
N LEU A 168 -9.52 -6.76 -19.00
CA LEU A 168 -9.43 -7.91 -19.90
C LEU A 168 -10.31 -7.72 -21.14
N LYS A 169 -11.54 -7.28 -20.93
CA LYS A 169 -12.46 -7.03 -22.05
C LYS A 169 -12.02 -5.84 -22.91
N LEU A 170 -11.46 -4.80 -22.29
CA LEU A 170 -10.92 -3.67 -23.05
C LEU A 170 -9.65 -4.05 -23.85
N GLN A 171 -8.96 -5.11 -23.42
CA GLN A 171 -7.83 -5.68 -24.18
C GLN A 171 -8.24 -6.80 -25.16
N GLY A 172 -9.54 -6.92 -25.44
CA GLY A 172 -10.03 -7.83 -26.46
C GLY A 172 -10.24 -9.27 -26.01
N ALA A 173 -10.07 -9.54 -24.72
CA ALA A 173 -10.21 -10.90 -24.17
C ALA A 173 -11.68 -11.26 -23.95
N VAL A 174 -11.98 -12.56 -23.94
CA VAL A 174 -13.34 -13.06 -23.82
C VAL A 174 -13.46 -13.92 -22.55
N PRO A 175 -13.69 -13.29 -21.38
CA PRO A 175 -13.99 -14.08 -20.20
C PRO A 175 -15.18 -15.01 -20.44
N PHE A 176 -15.01 -16.30 -20.14
CA PHE A 176 -16.03 -17.27 -20.58
C PHE A 176 -16.65 -18.19 -19.52
N VAL A 177 -15.93 -18.46 -18.43
CA VAL A 177 -16.47 -19.27 -17.33
C VAL A 177 -16.04 -18.81 -15.94
N HIS A 178 -16.88 -19.09 -14.95
CA HIS A 178 -16.47 -19.03 -13.55
C HIS A 178 -16.06 -20.43 -13.13
N THR A 179 -14.93 -20.52 -12.44
CA THR A 179 -14.41 -21.81 -11.98
C THR A 179 -14.49 -21.98 -10.45
N ASN A 180 -14.59 -23.23 -10.05
CA ASN A 180 -14.91 -23.63 -8.67
C ASN A 180 -13.82 -23.28 -7.65
N VAL A 181 -14.27 -23.07 -6.41
CA VAL A 181 -13.43 -22.77 -5.27
C VAL A 181 -13.91 -23.59 -4.06
N PRO A 182 -13.02 -23.86 -3.10
CA PRO A 182 -13.48 -24.45 -1.84
C PRO A 182 -14.35 -23.48 -1.07
N GLN A 183 -15.27 -23.99 -0.25
CA GLN A 183 -16.20 -23.13 0.49
C GLN A 183 -15.46 -22.05 1.28
N SER A 184 -15.82 -20.78 1.00
CA SER A 184 -15.25 -19.56 1.60
C SER A 184 -13.90 -19.12 1.00
N MET A 185 -13.27 -20.00 0.22
CA MET A 185 -11.92 -19.83 -0.37
C MET A 185 -10.74 -19.94 0.61
N PHE A 186 -11.02 -20.14 1.90
CA PHE A 186 -9.96 -20.22 2.89
C PHE A 186 -9.50 -21.69 3.08
N SER A 187 -8.87 -22.20 2.03
CA SER A 187 -8.59 -23.62 1.87
C SER A 187 -7.69 -23.79 0.65
N TYR A 188 -6.81 -24.79 0.68
CA TYR A 188 -6.11 -25.20 -0.53
C TYR A 188 -6.57 -26.57 -1.10
N ASP A 189 -7.81 -26.95 -0.77
CA ASP A 189 -8.56 -27.96 -1.52
C ASP A 189 -9.58 -27.24 -2.41
N CYS A 190 -10.59 -27.95 -2.91
CA CYS A 190 -11.54 -27.32 -3.83
C CYS A 190 -12.92 -27.98 -3.86
N SER A 191 -13.56 -28.09 -2.70
CA SER A 191 -14.96 -28.49 -2.62
C SER A 191 -15.82 -27.51 -1.81
N ASN A 192 -17.08 -27.34 -2.25
CA ASN A 192 -18.10 -26.62 -1.49
C ASN A 192 -19.46 -27.34 -1.59
N PRO A 193 -20.35 -27.11 -0.62
CA PRO A 193 -21.69 -27.74 -0.63
C PRO A 193 -22.60 -27.39 -1.80
N LEU A 194 -22.30 -26.32 -2.54
CA LEU A 194 -23.17 -25.84 -3.63
C LEU A 194 -22.85 -26.53 -4.97
N PHE A 195 -21.61 -26.43 -5.42
CA PHE A 195 -21.22 -27.02 -6.69
C PHE A 195 -20.46 -28.34 -6.56
N GLY A 196 -20.06 -28.69 -5.34
CA GLY A 196 -19.36 -29.93 -5.08
C GLY A 196 -17.85 -29.80 -5.24
N GLN A 197 -17.24 -30.94 -5.55
CA GLN A 197 -15.80 -31.15 -5.43
C GLN A 197 -15.13 -31.17 -6.77
N THR A 198 -14.07 -30.37 -6.89
CA THR A 198 -13.26 -30.34 -8.08
C THR A 198 -12.13 -31.36 -7.92
N MET A 199 -11.86 -32.13 -8.98
CA MET A 199 -10.84 -33.18 -8.94
C MET A 199 -9.64 -32.81 -9.79
N ASN A 200 -8.48 -33.33 -9.43
CA ASN A 200 -7.27 -33.10 -10.18
C ASN A 200 -7.38 -33.84 -11.52
N PRO A 201 -7.14 -33.15 -12.66
CA PRO A 201 -7.19 -33.83 -13.95
C PRO A 201 -6.16 -34.95 -14.14
N TRP A 202 -5.08 -34.97 -13.35
CA TRP A 202 -4.05 -36.00 -13.49
C TRP A 202 -4.41 -37.32 -12.80
N LYS A 203 -5.27 -37.26 -11.79
CA LYS A 203 -5.71 -38.42 -11.04
C LYS A 203 -6.83 -38.02 -10.10
N SER A 204 -7.95 -38.72 -10.29
CA SER A 204 -9.24 -38.22 -9.76
C SER A 204 -9.35 -38.34 -8.25
N SER A 205 -8.49 -39.15 -7.62
CA SER A 205 -8.42 -39.25 -6.17
C SER A 205 -7.64 -38.08 -5.53
N LYS A 206 -7.05 -37.21 -6.35
CA LYS A 206 -6.21 -36.11 -5.86
C LYS A 206 -6.91 -34.75 -5.90
N SER A 207 -6.49 -33.87 -5.00
CA SER A 207 -6.95 -32.49 -4.99
C SER A 207 -6.29 -31.75 -6.14
N PRO A 208 -7.03 -30.83 -6.79
CA PRO A 208 -6.43 -29.93 -7.76
C PRO A 208 -5.69 -28.77 -7.07
N GLY A 209 -5.68 -28.73 -5.76
CA GLY A 209 -5.24 -27.56 -5.05
C GLY A 209 -6.34 -26.51 -4.94
N GLY A 210 -5.98 -25.31 -4.51
CA GLY A 210 -6.94 -24.24 -4.34
C GLY A 210 -6.27 -23.12 -3.56
N SER A 211 -6.99 -22.05 -3.26
CA SER A 211 -8.42 -21.92 -3.52
C SER A 211 -8.81 -21.76 -5.00
N SER A 212 -7.87 -21.45 -5.85
CA SER A 212 -8.16 -21.39 -7.25
C SER A 212 -8.02 -22.72 -7.95
N GLY A 213 -8.69 -23.74 -7.44
CA GLY A 213 -8.56 -25.11 -7.90
C GLY A 213 -9.23 -25.40 -9.23
N GLY A 214 -10.39 -24.77 -9.47
CA GLY A 214 -11.09 -24.88 -10.76
C GLY A 214 -10.29 -24.36 -11.94
N GLU A 215 -9.58 -23.24 -11.73
CA GLU A 215 -8.59 -22.74 -12.71
C GLU A 215 -7.47 -23.73 -12.93
N GLY A 216 -6.89 -24.26 -11.84
CA GLY A 216 -5.86 -25.27 -11.94
C GLY A 216 -6.30 -26.45 -12.79
N ALA A 217 -7.45 -27.02 -12.45
CA ALA A 217 -8.03 -28.16 -13.17
C ALA A 217 -8.36 -27.85 -14.64
N LEU A 218 -8.97 -26.69 -14.89
CA LEU A 218 -9.36 -26.29 -16.27
C LEU A 218 -8.16 -26.01 -17.18
N ILE A 219 -7.23 -25.19 -16.69
CA ILE A 219 -6.04 -24.85 -17.46
C ILE A 219 -5.12 -26.06 -17.60
N GLY A 220 -4.96 -26.82 -16.51
CA GLY A 220 -4.11 -28.02 -16.51
C GLY A 220 -4.55 -29.18 -17.39
N SER A 221 -5.78 -29.16 -17.87
CA SER A 221 -6.29 -30.20 -18.77
C SER A 221 -6.58 -29.64 -20.18
N GLY A 222 -6.18 -28.39 -20.42
CA GLY A 222 -6.29 -27.80 -21.75
C GLY A 222 -7.54 -26.99 -22.05
N GLY A 223 -8.41 -26.80 -21.05
CA GLY A 223 -9.70 -26.14 -21.27
C GLY A 223 -9.72 -24.62 -21.27
N SER A 224 -8.57 -24.02 -20.97
CA SER A 224 -8.41 -22.56 -20.99
C SER A 224 -6.93 -22.22 -21.19
N PRO A 225 -6.63 -21.23 -22.07
CA PRO A 225 -5.25 -20.82 -22.27
C PRO A 225 -4.75 -19.85 -21.20
N LEU A 226 -5.67 -19.28 -20.41
CA LEU A 226 -5.32 -18.24 -19.45
C LEU A 226 -6.44 -18.05 -18.46
N GLY A 227 -6.09 -17.82 -17.21
CA GLY A 227 -7.07 -17.57 -16.18
C GLY A 227 -6.55 -16.68 -15.08
N LEU A 228 -7.46 -16.21 -14.23
CA LEU A 228 -7.11 -15.38 -13.08
C LEU A 228 -7.53 -16.06 -11.80
N GLY A 229 -6.65 -16.00 -10.81
CA GLY A 229 -6.88 -16.55 -9.48
C GLY A 229 -6.52 -15.49 -8.46
N THR A 230 -6.67 -15.84 -7.18
CA THR A 230 -6.27 -14.98 -6.07
C THR A 230 -5.50 -15.80 -5.02
N ASP A 231 -4.83 -15.09 -4.12
CA ASP A 231 -3.84 -15.72 -3.27
C ASP A 231 -3.62 -14.89 -2.00
N ILE A 232 -3.97 -15.48 -0.85
CA ILE A 232 -3.68 -14.91 0.48
C ILE A 232 -2.76 -15.82 1.31
N GLY A 233 -2.68 -17.11 0.95
CA GLY A 233 -1.77 -18.08 1.56
C GLY A 233 -1.18 -19.11 0.62
N GLY A 234 -1.35 -18.91 -0.70
CA GLY A 234 -0.87 -19.85 -1.75
C GLY A 234 -1.86 -20.22 -2.85
N SER A 235 -3.03 -19.60 -2.84
CA SER A 235 -4.17 -20.06 -3.63
C SER A 235 -4.06 -19.94 -5.17
N ILE A 236 -3.07 -19.22 -5.65
CA ILE A 236 -2.66 -19.28 -7.04
C ILE A 236 -1.63 -20.41 -7.21
N ARG A 237 -0.73 -20.52 -6.24
CA ARG A 237 0.45 -21.38 -6.37
C ARG A 237 0.18 -22.85 -6.11
N PHE A 238 -0.64 -23.17 -5.10
CA PHE A 238 -1.06 -24.57 -4.84
C PHE A 238 -1.70 -25.20 -6.08
N PRO A 239 -2.79 -24.60 -6.63
CA PRO A 239 -3.40 -25.26 -7.79
C PRO A 239 -2.51 -25.30 -9.04
N SER A 240 -1.65 -24.30 -9.21
CA SER A 240 -0.70 -24.31 -10.33
C SER A 240 0.29 -25.49 -10.21
N ALA A 241 0.86 -25.67 -9.02
CA ALA A 241 1.78 -26.77 -8.76
C ALA A 241 1.07 -28.12 -8.85
N PHE A 242 -0.08 -28.26 -8.18
CA PHE A 242 -0.76 -29.56 -8.13
C PHE A 242 -1.25 -30.02 -9.50
N CYS A 243 -1.63 -29.08 -10.34
CA CYS A 243 -2.18 -29.37 -11.67
C CYS A 243 -1.16 -29.19 -12.77
N GLY A 244 0.05 -28.78 -12.43
CA GLY A 244 1.15 -28.77 -13.37
C GLY A 244 1.11 -27.64 -14.37
N ILE A 245 0.71 -26.46 -13.92
CA ILE A 245 0.71 -25.26 -14.74
C ILE A 245 1.52 -24.15 -14.04
N CYS A 246 1.64 -23.00 -14.72
CA CYS A 246 2.40 -21.85 -14.21
C CYS A 246 1.45 -20.84 -13.61
N GLY A 247 1.86 -20.23 -12.50
CA GLY A 247 1.08 -19.14 -11.89
C GLY A 247 1.91 -18.09 -11.17
N LEU A 248 1.43 -16.85 -11.17
CA LEU A 248 2.10 -15.76 -10.45
C LEU A 248 1.17 -15.09 -9.44
N LYS A 249 1.63 -15.02 -8.19
CA LYS A 249 1.07 -14.14 -7.17
C LYS A 249 1.95 -12.89 -7.04
N PRO A 250 1.52 -11.77 -7.65
CA PRO A 250 2.27 -10.54 -7.53
C PRO A 250 2.17 -9.90 -6.15
N THR A 251 2.94 -8.84 -5.94
CA THR A 251 2.77 -7.93 -4.83
C THR A 251 1.29 -7.53 -4.75
N GLY A 252 0.78 -7.41 -3.53
CA GLY A 252 -0.65 -7.28 -3.29
C GLY A 252 -1.32 -6.17 -4.07
N ASN A 253 -0.67 -5.02 -4.17
CA ASN A 253 -1.29 -3.87 -4.82
C ASN A 253 -0.73 -3.56 -6.23
N ARG A 254 -0.16 -4.56 -6.90
CA ARG A 254 0.27 -4.39 -8.30
C ARG A 254 -0.95 -4.36 -9.24
N LEU A 255 -1.98 -5.13 -8.88
CA LEU A 255 -3.22 -5.22 -9.62
C LEU A 255 -4.42 -4.80 -8.77
N SER A 256 -5.50 -4.38 -9.43
CA SER A 256 -6.72 -3.93 -8.74
C SER A 256 -7.57 -5.07 -8.16
N LYS A 257 -7.90 -4.96 -6.87
CA LYS A 257 -8.77 -5.91 -6.20
C LYS A 257 -10.19 -5.36 -6.09
N SER A 258 -10.47 -4.29 -6.84
CA SER A 258 -11.77 -3.66 -6.85
C SER A 258 -12.78 -4.56 -7.54
N GLY A 259 -13.84 -4.91 -6.81
CA GLY A 259 -14.89 -5.80 -7.31
C GLY A 259 -14.67 -7.27 -7.02
N LEU A 260 -13.60 -7.62 -6.30
CA LEU A 260 -13.37 -9.02 -5.92
C LEU A 260 -14.26 -9.37 -4.73
N LYS A 261 -15.01 -10.46 -4.85
CA LYS A 261 -15.85 -10.95 -3.77
C LYS A 261 -14.97 -11.66 -2.78
N GLY A 262 -15.08 -11.30 -1.51
CA GLY A 262 -14.35 -11.97 -0.44
C GLY A 262 -15.30 -12.28 0.69
N CYS A 263 -14.81 -12.94 1.72
CA CYS A 263 -15.67 -13.21 2.86
C CYS A 263 -15.19 -12.54 4.15
N VAL A 264 -14.06 -11.86 4.10
CA VAL A 264 -13.55 -11.08 5.21
C VAL A 264 -13.02 -9.78 4.61
N TYR A 265 -13.38 -8.67 5.23
CA TYR A 265 -13.04 -7.36 4.70
C TYR A 265 -12.33 -6.51 5.74
N GLY A 266 -11.38 -5.69 5.27
CA GLY A 266 -10.63 -4.77 6.13
C GLY A 266 -9.39 -5.35 6.81
N GLN A 267 -9.09 -6.62 6.56
CA GLN A 267 -7.91 -7.26 7.10
C GLN A 267 -6.73 -6.92 6.18
N THR A 268 -5.78 -6.15 6.67
CA THR A 268 -4.70 -5.65 5.82
C THR A 268 -3.30 -6.10 6.24
N ALA A 269 -3.17 -6.85 7.31
CA ALA A 269 -1.86 -7.32 7.77
C ALA A 269 -1.23 -8.32 6.77
N VAL A 270 -2.03 -9.27 6.30
CA VAL A 270 -1.61 -10.25 5.31
C VAL A 270 -2.49 -9.98 4.10
N GLN A 271 -1.90 -9.35 3.09
CA GLN A 271 -2.68 -8.79 1.98
C GLN A 271 -3.00 -9.83 0.94
N LEU A 272 -4.17 -9.66 0.32
CA LEU A 272 -4.60 -10.52 -0.79
C LEU A 272 -3.96 -10.04 -2.05
N SER A 273 -3.76 -10.96 -2.98
CA SER A 273 -3.20 -10.61 -4.26
C SER A 273 -3.94 -11.40 -5.36
N LEU A 274 -3.91 -10.88 -6.58
CA LEU A 274 -4.54 -11.54 -7.72
C LEU A 274 -3.51 -11.69 -8.83
N GLY A 275 -3.68 -12.68 -9.69
CA GLY A 275 -2.68 -12.92 -10.71
C GLY A 275 -3.03 -14.01 -11.68
N PRO A 276 -2.22 -14.11 -12.75
CA PRO A 276 -2.48 -15.06 -13.83
C PRO A 276 -2.05 -16.49 -13.55
N MET A 277 -2.76 -17.41 -14.17
CA MET A 277 -2.44 -18.83 -14.21
C MET A 277 -2.50 -19.23 -15.69
N ALA A 278 -1.61 -20.10 -16.13
CA ALA A 278 -1.55 -20.48 -17.55
C ALA A 278 -0.58 -21.66 -17.76
N ARG A 279 -0.44 -22.10 -19.01
CA ARG A 279 0.40 -23.24 -19.33
C ARG A 279 1.89 -22.93 -19.43
N ASP A 280 2.26 -21.66 -19.58
CA ASP A 280 3.68 -21.28 -19.66
C ASP A 280 3.93 -19.91 -19.05
N VAL A 281 5.18 -19.62 -18.73
CA VAL A 281 5.55 -18.36 -18.10
C VAL A 281 5.23 -17.15 -19.02
N GLU A 282 5.46 -17.31 -20.32
CA GLU A 282 5.22 -16.24 -21.28
C GLU A 282 3.78 -15.73 -21.26
N SER A 283 2.81 -16.64 -21.10
CA SER A 283 1.39 -16.31 -20.93
C SER A 283 1.13 -15.45 -19.69
N LEU A 284 1.83 -15.75 -18.60
CA LEU A 284 1.74 -14.93 -17.40
C LEU A 284 2.26 -13.50 -17.69
N ALA A 285 3.39 -13.41 -18.39
CA ALA A 285 3.98 -12.11 -18.78
C ALA A 285 3.05 -11.30 -19.69
N LEU A 286 2.49 -11.94 -20.71
CA LEU A 286 1.53 -11.29 -21.61
C LEU A 286 0.32 -10.78 -20.83
N CYS A 287 -0.20 -11.62 -19.95
CA CYS A 287 -1.36 -11.24 -19.15
C CYS A 287 -1.09 -10.00 -18.29
N LEU A 288 0.06 -9.97 -17.64
CA LEU A 288 0.47 -8.84 -16.80
C LEU A 288 0.64 -7.58 -17.65
N LYS A 289 1.28 -7.73 -18.81
CA LYS A 289 1.51 -6.62 -19.70
C LYS A 289 0.17 -6.02 -20.12
N ALA A 290 -0.79 -6.88 -20.49
CA ALA A 290 -2.14 -6.45 -20.88
C ALA A 290 -2.94 -5.75 -19.75
N LEU A 291 -2.79 -6.25 -18.53
CA LEU A 291 -3.48 -5.70 -17.36
C LEU A 291 -2.86 -4.39 -16.86
N LEU A 292 -1.54 -4.28 -16.88
CA LEU A 292 -0.86 -3.07 -16.42
C LEU A 292 -0.87 -2.01 -17.51
N CYS A 293 -2.06 -1.53 -17.86
CA CYS A 293 -2.24 -0.51 -18.89
C CYS A 293 -3.00 0.67 -18.29
N GLU A 294 -3.22 1.72 -19.09
CA GLU A 294 -3.97 2.90 -18.63
C GLU A 294 -5.41 2.58 -18.23
N HIS A 295 -6.04 1.64 -18.92
CA HIS A 295 -7.40 1.25 -18.54
C HIS A 295 -7.47 0.88 -17.07
N LEU A 296 -6.58 0.00 -16.63
CA LEU A 296 -6.57 -0.38 -15.23
C LEU A 296 -6.26 0.79 -14.32
N PHE A 297 -5.24 1.58 -14.67
CA PHE A 297 -4.76 2.63 -13.78
C PHE A 297 -5.75 3.77 -13.65
N THR A 298 -6.53 4.02 -14.69
CA THR A 298 -7.62 4.99 -14.61
C THR A 298 -8.87 4.40 -13.93
N LEU A 299 -9.15 3.11 -14.11
CA LEU A 299 -10.32 2.50 -13.45
C LEU A 299 -10.10 2.31 -11.95
N ASP A 300 -8.86 2.11 -11.53
CA ASP A 300 -8.54 2.04 -10.11
C ASP A 300 -7.29 2.84 -9.79
N PRO A 301 -7.45 4.16 -9.57
CA PRO A 301 -6.34 5.06 -9.23
C PRO A 301 -5.54 4.65 -7.99
N THR A 302 -6.10 3.78 -7.13
CA THR A 302 -5.40 3.30 -5.92
C THR A 302 -4.22 2.37 -6.21
N VAL A 303 -4.19 1.78 -7.41
CA VAL A 303 -3.07 0.95 -7.87
C VAL A 303 -1.94 1.80 -8.48
N PRO A 304 -0.70 1.67 -7.97
CA PRO A 304 0.37 2.49 -8.53
C PRO A 304 0.53 2.19 -10.01
N PRO A 305 0.58 3.25 -10.85
CA PRO A 305 0.61 3.04 -12.30
C PRO A 305 1.97 2.61 -12.82
N LEU A 306 2.39 1.41 -12.42
CA LEU A 306 3.68 0.84 -12.81
C LEU A 306 3.52 0.02 -14.09
N PRO A 307 4.04 0.52 -15.22
CA PRO A 307 3.91 -0.27 -16.46
C PRO A 307 4.75 -1.54 -16.42
N PHE A 308 4.37 -2.54 -17.20
CA PHE A 308 5.18 -3.75 -17.32
C PHE A 308 6.52 -3.41 -17.99
N ARG A 309 7.62 -3.62 -17.27
CA ARG A 309 8.96 -3.37 -17.82
C ARG A 309 9.47 -4.57 -18.62
N GLU A 310 9.28 -4.50 -19.95
CA GLU A 310 9.69 -5.56 -20.87
C GLU A 310 11.16 -5.93 -20.77
N GLU A 311 12.01 -4.91 -20.81
CA GLU A 311 13.46 -5.12 -20.77
C GLU A 311 13.93 -5.90 -19.55
N VAL A 312 13.26 -5.71 -18.40
CA VAL A 312 13.58 -6.47 -17.18
C VAL A 312 13.17 -7.94 -17.33
N TYR A 313 11.97 -8.16 -17.84
CA TYR A 313 11.46 -9.50 -18.12
C TYR A 313 12.34 -10.24 -19.14
N ARG A 314 12.86 -9.51 -20.13
CA ARG A 314 13.60 -10.08 -21.26
C ARG A 314 15.11 -10.22 -21.02
N SER A 315 15.58 -9.70 -19.90
CA SER A 315 17.00 -9.72 -19.58
C SER A 315 17.55 -11.13 -19.61
N SER A 316 18.79 -11.27 -20.06
CA SER A 316 19.47 -12.54 -20.06
C SER A 316 20.73 -12.50 -19.20
N ARG A 317 20.84 -11.51 -18.31
CA ARG A 317 22.03 -11.40 -17.47
C ARG A 317 22.06 -12.51 -16.40
N PRO A 318 23.26 -12.96 -16.01
CA PRO A 318 23.30 -13.93 -14.92
C PRO A 318 22.66 -13.37 -13.65
N LEU A 319 22.18 -14.26 -12.81
CA LEU A 319 21.37 -13.93 -11.65
C LEU A 319 22.06 -14.46 -10.42
N ARG A 320 21.96 -13.71 -9.34
CA ARG A 320 22.28 -14.21 -8.01
C ARG A 320 20.99 -14.77 -7.40
N VAL A 321 20.96 -16.09 -7.26
CA VAL A 321 19.78 -16.84 -6.84
C VAL A 321 20.00 -17.44 -5.45
N GLY A 322 19.34 -16.87 -4.45
CA GLY A 322 19.24 -17.48 -3.15
C GLY A 322 18.42 -18.75 -3.28
N TYR A 323 18.69 -19.73 -2.42
CA TYR A 323 17.88 -20.95 -2.44
C TYR A 323 17.84 -21.64 -1.07
N TYR A 324 16.77 -22.39 -0.84
CA TYR A 324 16.72 -23.36 0.25
C TYR A 324 15.99 -24.62 -0.20
N GLU A 325 16.38 -25.77 0.35
CA GLU A 325 15.78 -27.06 -0.04
C GLU A 325 14.69 -27.48 0.96
N THR A 326 14.67 -26.82 2.11
CA THR A 326 13.66 -27.02 3.15
C THR A 326 13.54 -25.73 3.97
N ASP A 327 12.32 -25.40 4.41
CA ASP A 327 12.09 -24.28 5.34
C ASP A 327 12.15 -24.72 6.81
N ASN A 328 12.49 -26.00 7.03
CA ASN A 328 12.57 -26.59 8.37
C ASN A 328 11.26 -26.56 9.16
N TYR A 329 10.16 -26.32 8.45
CA TYR A 329 8.82 -26.26 9.03
C TYR A 329 8.01 -27.43 8.45
N THR A 330 7.85 -27.43 7.13
CA THR A 330 7.30 -28.55 6.40
C THR A 330 8.43 -29.33 5.69
N MET A 331 8.67 -30.55 6.13
CA MET A 331 9.59 -31.45 5.45
C MET A 331 9.13 -31.63 4.00
N PRO A 332 10.01 -31.33 3.02
CA PRO A 332 9.61 -31.53 1.64
C PRO A 332 9.48 -33.00 1.30
N SER A 333 8.56 -33.32 0.39
CA SER A 333 8.46 -34.67 -0.14
C SER A 333 9.77 -34.96 -0.87
N PRO A 334 10.12 -36.26 -1.00
CA PRO A 334 11.28 -36.60 -1.80
C PRO A 334 11.25 -35.94 -3.20
N ALA A 335 10.07 -35.85 -3.80
CA ALA A 335 9.90 -35.23 -5.11
C ALA A 335 10.15 -33.71 -5.12
N MET A 336 9.60 -32.99 -4.14
CA MET A 336 9.86 -31.55 -3.96
C MET A 336 11.35 -31.25 -3.89
N ARG A 337 12.04 -32.10 -3.16
CA ARG A 337 13.44 -31.92 -2.85
C ARG A 337 14.33 -32.20 -4.08
N ARG A 338 13.96 -33.22 -4.86
CA ARG A 338 14.62 -33.51 -6.15
C ARG A 338 14.38 -32.39 -7.17
N ALA A 339 13.13 -31.95 -7.29
CA ALA A 339 12.78 -30.74 -8.07
C ALA A 339 13.70 -29.54 -7.79
N LEU A 340 13.86 -29.20 -6.52
CA LEU A 340 14.67 -28.05 -6.11
C LEU A 340 16.15 -28.26 -6.46
N ILE A 341 16.66 -29.44 -6.15
CA ILE A 341 18.07 -29.74 -6.33
C ILE A 341 18.42 -29.80 -7.81
N GLU A 342 17.57 -30.44 -8.62
CA GLU A 342 17.81 -30.49 -10.07
C GLU A 342 17.74 -29.12 -10.73
N THR A 343 16.75 -28.32 -10.35
CA THR A 343 16.62 -26.93 -10.82
C THR A 343 17.87 -26.11 -10.42
N LYS A 344 18.24 -26.18 -9.15
CA LYS A 344 19.46 -25.53 -8.64
C LYS A 344 20.68 -25.87 -9.48
N GLN A 345 20.86 -27.14 -9.81
CA GLN A 345 22.04 -27.59 -10.57
C GLN A 345 22.04 -27.16 -12.04
N ARG A 346 20.88 -27.03 -12.63
CA ARG A 346 20.78 -26.53 -13.98
C ARG A 346 20.98 -25.02 -14.08
N LEU A 347 20.53 -24.29 -13.08
CA LEU A 347 20.81 -22.87 -12.94
C LEU A 347 22.31 -22.62 -12.76
N GLU A 348 22.97 -23.47 -11.97
CA GLU A 348 24.42 -23.42 -11.77
C GLU A 348 25.16 -23.66 -13.08
N ALA A 349 24.72 -24.67 -13.84
CA ALA A 349 25.31 -25.00 -15.14
C ALA A 349 25.03 -23.94 -16.21
N ALA A 350 23.98 -23.14 -16.02
CA ALA A 350 23.65 -22.03 -16.92
C ALA A 350 24.40 -20.74 -16.56
N GLY A 351 25.21 -20.78 -15.49
CA GLY A 351 26.10 -19.68 -15.14
C GLY A 351 25.57 -18.76 -14.07
N HIS A 352 24.50 -19.15 -13.39
CA HIS A 352 23.95 -18.35 -12.31
C HIS A 352 24.67 -18.76 -10.98
N THR A 353 24.68 -17.83 -10.05
CA THR A 353 25.27 -18.03 -8.74
C THR A 353 24.19 -18.42 -7.77
N LEU A 354 24.28 -19.63 -7.24
CA LEU A 354 23.32 -20.17 -6.29
C LEU A 354 23.85 -20.00 -4.87
N ILE A 355 23.12 -19.25 -4.05
CA ILE A 355 23.57 -18.86 -2.72
C ILE A 355 22.58 -19.35 -1.66
N PRO A 356 23.05 -20.11 -0.67
CA PRO A 356 22.10 -20.54 0.36
C PRO A 356 21.46 -19.36 1.12
N PHE A 357 20.15 -19.41 1.29
CA PHE A 357 19.42 -18.29 1.88
C PHE A 357 18.17 -18.83 2.54
N LEU A 358 17.93 -18.43 3.78
CA LEU A 358 16.68 -18.79 4.46
C LEU A 358 16.21 -17.58 5.19
N PRO A 359 14.99 -17.09 4.88
CA PRO A 359 14.42 -16.02 5.68
C PRO A 359 14.43 -16.33 7.17
N ASN A 360 14.78 -15.34 7.97
CA ASN A 360 14.88 -15.51 9.39
C ASN A 360 13.50 -15.82 10.00
N ASN A 361 13.50 -16.50 11.15
CA ASN A 361 12.32 -16.62 11.99
C ASN A 361 11.05 -17.03 11.26
N ILE A 362 11.15 -18.05 10.42
CA ILE A 362 9.99 -18.57 9.73
C ILE A 362 8.87 -19.02 10.69
N PRO A 363 9.19 -19.77 11.76
CA PRO A 363 8.12 -20.23 12.65
C PRO A 363 7.28 -19.08 13.23
N TYR A 364 7.97 -18.01 13.63
CA TYR A 364 7.34 -16.75 14.07
C TYR A 364 6.51 -16.05 12.97
N ALA A 365 7.05 -16.00 11.75
CA ALA A 365 6.32 -15.41 10.64
C ALA A 365 5.02 -16.14 10.36
N LEU A 366 5.01 -17.46 10.55
CA LEU A 366 3.82 -18.26 10.26
C LEU A 366 2.84 -18.31 11.42
N GLU A 367 3.37 -18.61 12.60
CA GLU A 367 2.53 -18.83 13.79
C GLU A 367 2.04 -17.54 14.43
N VAL A 368 2.87 -16.51 14.46
CA VAL A 368 2.46 -15.25 15.10
C VAL A 368 1.90 -14.26 14.08
N LEU A 369 2.70 -13.91 13.08
CA LEU A 369 2.34 -12.86 12.13
C LEU A 369 1.26 -13.28 11.13
N SER A 370 1.44 -14.43 10.48
CA SER A 370 0.48 -14.87 9.47
C SER A 370 -0.85 -15.34 10.09
N THR A 371 -0.75 -16.21 11.10
CA THR A 371 -1.95 -16.70 11.80
C THR A 371 -2.67 -15.56 12.52
N GLY A 372 -1.91 -14.74 13.24
CA GLY A 372 -2.48 -13.61 13.97
C GLY A 372 -3.09 -12.56 13.06
N GLY A 373 -2.48 -12.39 11.89
CA GLY A 373 -2.95 -11.46 10.88
C GLY A 373 -4.25 -11.88 10.21
N LEU A 374 -4.38 -13.16 9.93
CA LEU A 374 -5.58 -13.69 9.29
C LEU A 374 -6.73 -13.88 10.29
N PHE A 375 -6.40 -14.09 11.57
CA PHE A 375 -7.39 -14.31 12.63
C PHE A 375 -7.27 -13.36 13.81
N SER A 376 -6.99 -12.08 13.53
CA SER A 376 -6.87 -11.06 14.58
C SER A 376 -8.14 -10.95 15.43
N ASP A 377 -9.29 -11.16 14.78
CA ASP A 377 -10.57 -11.09 15.46
C ASP A 377 -11.08 -12.45 15.96
N GLY A 378 -10.18 -13.42 16.09
CA GLY A 378 -10.56 -14.77 16.54
C GLY A 378 -11.36 -15.59 15.55
N GLY A 379 -11.53 -15.09 14.34
CA GLY A 379 -12.29 -15.80 13.31
C GLY A 379 -13.77 -15.44 13.22
N ARG A 380 -14.20 -14.45 14.00
CA ARG A 380 -15.60 -14.07 14.08
C ARG A 380 -16.19 -13.54 12.77
N SER A 381 -15.48 -12.63 12.11
CA SER A 381 -15.91 -12.09 10.82
C SER A 381 -16.01 -13.21 9.77
N PHE A 382 -14.99 -14.04 9.72
CA PHE A 382 -14.98 -15.22 8.85
C PHE A 382 -16.18 -16.14 9.12
N LEU A 383 -16.37 -16.48 10.40
CA LEU A 383 -17.42 -17.41 10.84
C LEU A 383 -18.87 -16.92 10.59
N GLN A 384 -19.11 -15.61 10.50
CA GLN A 384 -20.46 -15.12 10.14
C GLN A 384 -20.96 -15.73 8.83
N ASN A 385 -20.03 -15.96 7.90
CA ASN A 385 -20.34 -16.54 6.60
C ASN A 385 -20.96 -17.93 6.66
N PHE A 386 -20.71 -18.67 7.75
CA PHE A 386 -21.17 -20.05 7.88
C PHE A 386 -22.45 -20.19 8.68
N LYS A 387 -22.99 -19.09 9.19
CA LYS A 387 -24.23 -19.13 9.94
C LYS A 387 -25.34 -19.72 9.08
N GLY A 388 -25.89 -20.85 9.54
CA GLY A 388 -26.94 -21.58 8.83
C GLY A 388 -26.47 -22.50 7.70
N ASP A 389 -25.17 -22.59 7.46
CA ASP A 389 -24.63 -23.33 6.31
C ASP A 389 -24.05 -24.69 6.72
N PHE A 390 -23.99 -25.61 5.76
CA PHE A 390 -23.18 -26.82 5.91
C PHE A 390 -21.72 -26.38 5.86
N VAL A 391 -20.86 -27.11 6.58
CA VAL A 391 -19.42 -26.90 6.51
C VAL A 391 -18.87 -28.03 5.65
N ASP A 392 -18.28 -27.70 4.50
CA ASP A 392 -17.69 -28.71 3.62
C ASP A 392 -16.62 -29.50 4.36
N PRO A 393 -16.65 -30.85 4.25
CA PRO A 393 -15.59 -31.69 4.83
C PRO A 393 -14.17 -31.26 4.47
N CYS A 394 -13.97 -30.61 3.32
CA CYS A 394 -12.59 -30.23 2.89
C CYS A 394 -11.97 -29.11 3.74
N LEU A 395 -12.79 -28.42 4.53
CA LEU A 395 -12.30 -27.43 5.50
C LEU A 395 -11.81 -28.06 6.80
N GLY A 396 -11.88 -29.38 6.90
CA GLY A 396 -11.41 -30.10 8.07
C GLY A 396 -12.13 -29.62 9.31
N ASP A 397 -11.37 -29.36 10.37
CA ASP A 397 -11.93 -28.92 11.64
C ASP A 397 -11.74 -27.44 11.86
N LEU A 398 -11.37 -26.67 10.83
CA LEU A 398 -11.09 -25.25 11.02
C LEU A 398 -12.29 -24.49 11.65
N ILE A 399 -13.50 -24.75 11.14
CA ILE A 399 -14.67 -24.01 11.62
C ILE A 399 -14.97 -24.36 13.08
N LEU A 400 -14.87 -25.65 13.41
CA LEU A 400 -15.06 -26.13 14.78
C LEU A 400 -14.06 -25.49 15.77
N ILE A 401 -12.81 -25.34 15.32
CA ILE A 401 -11.75 -24.80 16.14
C ILE A 401 -11.91 -23.29 16.36
N LEU A 402 -12.24 -22.56 15.28
CA LEU A 402 -12.43 -21.11 15.35
C LEU A 402 -13.61 -20.74 16.24
N ARG A 403 -14.62 -21.60 16.29
CA ARG A 403 -15.77 -21.40 17.16
C ARG A 403 -15.44 -21.54 18.65
N LEU A 404 -14.40 -22.32 18.98
CA LEU A 404 -14.02 -22.53 20.39
C LEU A 404 -13.79 -21.19 21.09
N PRO A 405 -14.24 -21.06 22.36
CA PRO A 405 -14.07 -19.82 23.13
C PRO A 405 -12.60 -19.46 23.30
N SER A 406 -12.28 -18.17 23.24
CA SER A 406 -10.90 -17.68 23.38
C SER A 406 -10.19 -18.31 24.59
N TRP A 407 -10.91 -18.43 25.70
CA TRP A 407 -10.34 -19.06 26.91
C TRP A 407 -10.02 -20.54 26.69
N PHE A 408 -10.83 -21.25 25.90
CA PHE A 408 -10.58 -22.67 25.60
C PHE A 408 -9.42 -22.85 24.61
N LYS A 409 -9.35 -22.01 23.59
CA LYS A 409 -8.21 -21.98 22.69
C LYS A 409 -6.92 -21.82 23.50
N ARG A 410 -6.95 -20.90 24.47
CA ARG A 410 -5.83 -20.67 25.39
C ARG A 410 -5.50 -21.88 26.29
N LEU A 411 -6.52 -22.53 26.85
CA LEU A 411 -6.32 -23.72 27.69
C LEU A 411 -5.69 -24.83 26.87
N LEU A 412 -6.33 -25.17 25.76
CA LEU A 412 -5.87 -26.24 24.88
C LEU A 412 -4.45 -25.96 24.37
N SER A 413 -4.17 -24.69 24.05
CA SER A 413 -2.82 -24.28 23.65
C SER A 413 -1.80 -24.64 24.71
N LEU A 414 -2.09 -24.33 25.97
CA LEU A 414 -1.17 -24.61 27.08
C LEU A 414 -0.99 -26.11 27.34
N LEU A 415 -2.02 -26.89 27.07
CA LEU A 415 -1.95 -28.35 27.24
C LEU A 415 -1.13 -29.02 26.14
N LEU A 416 -1.31 -28.56 24.91
CA LEU A 416 -0.61 -29.15 23.75
C LEU A 416 0.86 -28.72 23.65
N LYS A 417 1.23 -27.60 24.25
CA LYS A 417 2.55 -26.98 24.04
C LYS A 417 3.77 -27.92 24.23
N PRO A 418 3.84 -28.67 25.34
CA PRO A 418 4.97 -29.60 25.50
C PRO A 418 5.12 -30.61 24.35
N LEU A 419 4.02 -31.27 23.97
CA LEU A 419 4.10 -32.34 22.96
C LEU A 419 3.95 -31.84 21.53
N PHE A 420 3.04 -30.91 21.30
CA PHE A 420 2.73 -30.43 19.95
C PHE A 420 2.76 -28.90 19.85
N PRO A 421 3.97 -28.32 19.96
CA PRO A 421 4.15 -26.86 19.99
C PRO A 421 3.56 -26.08 18.80
N ARG A 422 3.58 -26.67 17.60
CA ARG A 422 2.99 -26.05 16.41
C ARG A 422 1.48 -25.87 16.52
N LEU A 423 0.82 -26.92 17.00
CA LEU A 423 -0.64 -26.92 17.16
C LEU A 423 -1.02 -25.91 18.25
N ALA A 424 -0.25 -25.92 19.33
CA ALA A 424 -0.43 -25.01 20.45
C ALA A 424 -0.27 -23.57 19.98
N ALA A 425 0.78 -23.31 19.21
CA ALA A 425 1.00 -21.96 18.66
C ALA A 425 -0.17 -21.52 17.78
N PHE A 426 -0.69 -22.45 16.98
CA PHE A 426 -1.80 -22.16 16.07
C PHE A 426 -3.02 -21.73 16.88
N LEU A 427 -3.40 -22.55 17.86
CA LEU A 427 -4.53 -22.24 18.73
C LEU A 427 -4.36 -20.92 19.47
N ASN A 428 -3.14 -20.61 19.88
CA ASN A 428 -2.88 -19.41 20.68
C ASN A 428 -3.03 -18.13 19.88
N ASN A 429 -2.58 -18.16 18.63
CA ASN A 429 -2.51 -16.96 17.81
C ASN A 429 -3.74 -16.71 16.95
N MET A 430 -4.78 -17.51 17.15
CA MET A 430 -6.04 -17.31 16.45
C MET A 430 -7.09 -16.77 17.39
N ARG A 431 -6.65 -16.15 18.48
CA ARG A 431 -7.56 -15.59 19.46
C ARG A 431 -7.87 -14.13 19.13
N PRO A 432 -9.05 -13.64 19.56
CA PRO A 432 -9.38 -12.26 19.26
C PRO A 432 -8.51 -11.29 20.06
N ARG A 433 -8.31 -10.09 19.53
CA ARG A 433 -7.52 -9.09 20.23
C ARG A 433 -8.03 -7.68 19.97
N SER A 434 -7.49 -6.74 20.73
CA SER A 434 -7.82 -5.32 20.62
C SER A 434 -7.19 -4.68 19.39
N ALA A 435 -7.64 -3.47 19.05
CA ALA A 435 -7.04 -2.68 17.98
C ALA A 435 -5.59 -2.34 18.34
N GLU A 436 -5.36 -2.02 19.61
CA GLU A 436 -4.01 -1.80 20.15
C GLU A 436 -3.06 -2.96 19.83
N LYS A 437 -3.52 -4.18 20.04
CA LYS A 437 -2.70 -5.38 19.76
C LYS A 437 -2.59 -5.63 18.27
N LEU A 438 -3.62 -5.28 17.51
CA LEU A 438 -3.51 -5.38 16.05
C LEU A 438 -2.48 -4.37 15.51
N TRP A 439 -2.43 -3.16 16.06
CA TRP A 439 -1.37 -2.19 15.67
C TRP A 439 0.01 -2.79 15.90
N LYS A 440 0.21 -3.36 17.09
CA LYS A 440 1.47 -4.02 17.42
C LYS A 440 1.88 -5.09 16.41
N LEU A 441 0.91 -5.93 16.03
CA LEU A 441 1.13 -7.03 15.07
C LEU A 441 1.46 -6.48 13.68
N GLN A 442 0.76 -5.42 13.29
CA GLN A 442 0.94 -4.78 11.99
C GLN A 442 2.32 -4.16 11.91
N HIS A 443 2.77 -3.53 12.99
CA HIS A 443 4.14 -3.02 13.04
C HIS A 443 5.19 -4.14 12.97
N GLU A 444 4.91 -5.26 13.63
CA GLU A 444 5.77 -6.44 13.59
C GLU A 444 5.84 -7.05 12.19
N ILE A 445 4.73 -7.02 11.48
CA ILE A 445 4.72 -7.45 10.09
C ILE A 445 5.65 -6.56 9.25
N GLU A 446 5.55 -5.25 9.48
CA GLU A 446 6.36 -4.27 8.78
C GLU A 446 7.86 -4.46 9.05
N MET A 447 8.21 -4.61 10.32
CA MET A 447 9.61 -4.82 10.71
CA MET A 447 9.61 -4.83 10.72
C MET A 447 10.15 -6.11 10.13
N TYR A 448 9.32 -7.16 10.15
CA TYR A 448 9.73 -8.47 9.64
C TYR A 448 10.04 -8.37 8.15
N ARG A 449 9.17 -7.73 7.39
CA ARG A 449 9.38 -7.52 5.96
C ARG A 449 10.72 -6.80 5.69
N GLN A 450 11.00 -5.76 6.46
CA GLN A 450 12.25 -5.03 6.29
C GLN A 450 13.47 -5.90 6.70
N SER A 451 13.30 -6.80 7.67
CA SER A 451 14.37 -7.68 8.13
C SER A 451 14.77 -8.70 7.07
N VAL A 452 13.79 -9.28 6.37
CA VAL A 452 14.09 -10.19 5.29
C VAL A 452 14.68 -9.43 4.08
N ILE A 453 14.16 -8.24 3.81
CA ILE A 453 14.76 -7.36 2.81
C ILE A 453 16.24 -7.10 3.14
N ALA A 454 16.52 -6.74 4.40
CA ALA A 454 17.92 -6.49 4.82
C ALA A 454 18.80 -7.74 4.64
N GLN A 455 18.22 -8.91 4.95
CA GLN A 455 18.90 -10.18 4.77
C GLN A 455 19.27 -10.40 3.29
N TRP A 456 18.29 -10.18 2.43
CA TRP A 456 18.39 -10.30 0.97
C TRP A 456 19.47 -9.37 0.39
N LYS A 457 19.44 -8.10 0.80
CA LYS A 457 20.41 -7.11 0.32
C LYS A 457 21.83 -7.44 0.84
N ALA A 458 21.92 -8.01 2.04
CA ALA A 458 23.22 -8.35 2.63
C ALA A 458 23.91 -9.46 1.82
N MET A 459 23.14 -10.23 1.09
CA MET A 459 23.68 -11.24 0.20
C MET A 459 23.60 -10.86 -1.25
N ASN A 460 23.18 -9.65 -1.51
CA ASN A 460 23.04 -9.12 -2.86
C ASN A 460 22.31 -10.06 -3.82
N LEU A 461 21.20 -10.64 -3.36
CA LEU A 461 20.38 -11.53 -4.16
C LEU A 461 19.61 -10.76 -5.23
N ASP A 462 19.39 -11.40 -6.38
CA ASP A 462 18.41 -10.91 -7.37
C ASP A 462 17.05 -11.55 -7.11
N VAL A 463 17.06 -12.89 -6.98
CA VAL A 463 15.85 -13.68 -6.79
C VAL A 463 16.07 -14.83 -5.78
N LEU A 464 15.01 -15.56 -5.48
CA LEU A 464 15.06 -16.65 -4.51
C LEU A 464 14.30 -17.87 -5.02
N LEU A 465 14.94 -19.04 -4.95
CA LEU A 465 14.37 -20.33 -5.37
C LEU A 465 14.04 -21.14 -4.12
N THR A 466 12.80 -21.63 -4.02
CA THR A 466 12.34 -22.33 -2.85
C THR A 466 11.59 -23.57 -3.28
N PRO A 467 11.40 -24.52 -2.35
CA PRO A 467 10.52 -25.61 -2.70
C PRO A 467 9.08 -25.12 -2.80
N MET A 468 8.29 -25.85 -3.57
CA MET A 468 6.85 -25.62 -3.61
C MET A 468 6.15 -26.92 -3.23
N LEU A 469 5.14 -26.82 -2.35
CA LEU A 469 4.35 -27.98 -1.92
C LEU A 469 3.88 -28.82 -3.12
N GLY A 470 4.29 -30.08 -3.10
CA GLY A 470 3.96 -31.04 -4.12
C GLY A 470 4.39 -32.43 -3.67
N PRO A 471 3.73 -33.46 -4.22
CA PRO A 471 2.70 -33.25 -5.23
C PRO A 471 1.32 -33.21 -4.58
N ALA A 472 0.29 -33.21 -5.42
CA ALA A 472 -1.09 -33.03 -5.00
C ALA A 472 -1.43 -33.97 -3.87
N LEU A 473 -2.00 -33.41 -2.82
CA LEU A 473 -2.55 -34.14 -1.72
C LEU A 473 -3.83 -34.84 -2.17
N ASP A 474 -4.12 -35.98 -1.54
CA ASP A 474 -5.41 -36.64 -1.69
C ASP A 474 -6.55 -35.67 -1.39
N LEU A 475 -7.70 -35.90 -1.99
CA LEU A 475 -8.90 -35.12 -1.69
C LEU A 475 -9.21 -35.18 -0.20
N ASN A 476 -9.62 -34.02 0.32
CA ASN A 476 -10.06 -33.83 1.70
C ASN A 476 -8.96 -33.90 2.78
N THR A 477 -7.70 -33.85 2.36
CA THR A 477 -6.59 -33.80 3.31
C THR A 477 -5.88 -32.45 3.47
N PRO A 478 -5.89 -31.56 2.44
CA PRO A 478 -5.32 -30.22 2.69
C PRO A 478 -5.85 -29.51 3.94
N GLY A 479 -7.15 -29.58 4.17
CA GLY A 479 -7.79 -28.97 5.34
C GLY A 479 -7.29 -29.49 6.67
N ARG A 480 -6.61 -30.63 6.63
CA ARG A 480 -6.06 -31.26 7.81
C ARG A 480 -4.54 -31.20 7.88
N ALA A 481 -3.93 -30.54 6.89
CA ALA A 481 -2.47 -30.38 6.82
C ALA A 481 -2.16 -28.89 6.69
N THR A 482 -2.57 -28.10 7.68
CA THR A 482 -2.43 -26.64 7.65
C THR A 482 -0.98 -26.19 7.62
N GLY A 483 -0.11 -26.96 8.28
CA GLY A 483 1.30 -26.62 8.35
C GLY A 483 1.99 -26.54 7.00
N ALA A 484 1.49 -27.33 6.04
CA ALA A 484 2.05 -27.38 4.70
C ALA A 484 1.88 -26.07 3.89
N VAL A 485 1.10 -25.10 4.39
CA VAL A 485 1.03 -23.78 3.76
C VAL A 485 2.31 -22.95 3.96
N SER A 486 3.27 -23.49 4.72
CA SER A 486 4.48 -22.75 5.11
C SER A 486 5.29 -22.21 3.93
N TYR A 487 5.42 -23.02 2.87
CA TYR A 487 6.23 -22.63 1.72
C TYR A 487 5.67 -21.42 0.98
N THR A 488 4.35 -21.35 0.89
CA THR A 488 3.66 -20.28 0.17
C THR A 488 3.29 -19.10 1.06
N MET A 489 2.69 -19.38 2.22
CA MET A 489 2.21 -18.38 3.17
C MET A 489 3.27 -17.36 3.57
N LEU A 490 4.53 -17.78 3.58
CA LEU A 490 5.61 -16.89 3.97
C LEU A 490 5.67 -15.64 3.09
N TYR A 491 5.36 -15.79 1.80
CA TYR A 491 5.49 -14.68 0.87
C TYR A 491 4.22 -13.84 0.76
N ASN A 492 3.12 -14.33 1.30
CA ASN A 492 1.96 -13.47 1.57
C ASN A 492 2.26 -12.54 2.75
N CYS A 493 2.87 -13.11 3.79
CA CYS A 493 3.28 -12.37 4.96
C CYS A 493 4.23 -11.27 4.61
N LEU A 494 5.25 -11.61 3.82
CA LEU A 494 6.24 -10.67 3.36
C LEU A 494 5.73 -9.78 2.23
N ASP A 495 4.66 -10.21 1.57
CA ASP A 495 4.12 -9.53 0.40
C ASP A 495 5.21 -9.32 -0.68
N PHE A 496 5.79 -10.43 -1.13
CA PHE A 496 6.77 -10.47 -2.22
C PHE A 496 6.09 -11.14 -3.41
N PRO A 497 6.44 -10.73 -4.65
CA PRO A 497 5.98 -11.52 -5.79
C PRO A 497 6.54 -12.94 -5.73
N ALA A 498 5.67 -13.92 -5.98
CA ALA A 498 6.06 -15.33 -5.92
C ALA A 498 5.26 -16.08 -6.96
N GLY A 499 5.95 -16.87 -7.79
CA GLY A 499 5.28 -17.72 -8.76
C GLY A 499 5.81 -19.15 -8.73
N VAL A 500 5.12 -20.04 -9.43
CA VAL A 500 5.54 -21.43 -9.50
C VAL A 500 5.63 -21.92 -10.96
N VAL A 501 6.58 -22.83 -11.20
CA VAL A 501 6.82 -23.41 -12.51
C VAL A 501 6.94 -24.94 -12.37
N PRO A 502 6.16 -25.72 -13.15
CA PRO A 502 6.35 -27.17 -13.12
C PRO A 502 7.73 -27.55 -13.66
N VAL A 503 8.48 -28.37 -12.93
CA VAL A 503 9.85 -28.74 -13.34
C VAL A 503 10.05 -30.25 -13.48
N THR A 504 9.17 -31.06 -12.88
CA THR A 504 9.33 -32.50 -12.97
C THR A 504 8.04 -33.23 -12.68
N THR A 505 8.12 -34.56 -12.66
CA THR A 505 7.00 -35.39 -12.21
C THR A 505 7.51 -36.44 -11.23
N VAL A 506 6.62 -36.84 -10.32
CA VAL A 506 6.93 -37.82 -9.31
C VAL A 506 7.22 -39.16 -9.97
N THR A 507 8.38 -39.73 -9.65
CA THR A 507 8.75 -41.07 -10.08
C THR A 507 8.39 -42.09 -9.00
N ALA A 508 8.33 -43.36 -9.38
CA ALA A 508 8.15 -44.47 -8.43
C ALA A 508 9.20 -44.45 -7.33
N GLU A 509 10.43 -44.11 -7.68
CA GLU A 509 11.49 -43.95 -6.68
C GLU A 509 11.14 -42.87 -5.65
N ASP A 510 10.72 -41.69 -6.12
CA ASP A 510 10.28 -40.59 -5.23
C ASP A 510 9.14 -41.01 -4.31
N ASP A 511 8.19 -41.75 -4.89
CA ASP A 511 6.94 -42.11 -4.21
C ASP A 511 7.20 -43.14 -3.13
N ALA A 512 8.02 -44.14 -3.46
CA ALA A 512 8.41 -45.17 -2.50
C ALA A 512 9.12 -44.54 -1.29
N GLN A 513 9.90 -43.48 -1.53
CA GLN A 513 10.63 -42.78 -0.48
C GLN A 513 9.74 -42.06 0.55
N MET A 514 8.47 -41.84 0.20
CA MET A 514 7.49 -41.31 1.14
C MET A 514 7.29 -42.18 2.38
N GLU A 515 7.63 -43.48 2.29
CA GLU A 515 7.53 -44.39 3.42
C GLU A 515 8.54 -44.05 4.52
N LEU A 516 9.60 -43.34 4.17
CA LEU A 516 10.63 -42.89 5.10
C LEU A 516 10.40 -41.45 5.61
N TYR A 517 9.29 -40.85 5.21
CA TYR A 517 8.99 -39.46 5.55
C TYR A 517 8.38 -39.42 6.94
N LYS A 518 8.96 -38.63 7.83
CA LYS A 518 8.45 -38.47 9.20
C LYS A 518 7.84 -37.09 9.51
N GLY A 519 8.23 -36.06 8.76
CA GLY A 519 7.98 -34.68 9.18
C GLY A 519 8.96 -34.27 10.28
N TYR A 520 9.07 -32.95 10.53
CA TYR A 520 9.96 -32.44 11.57
C TYR A 520 9.38 -32.47 12.97
N PHE A 521 8.05 -32.59 13.05
CA PHE A 521 7.31 -32.46 14.31
C PHE A 521 6.57 -33.73 14.72
N GLY A 522 6.11 -34.52 13.75
CA GLY A 522 5.34 -35.73 14.06
C GLY A 522 3.93 -35.48 14.61
N ASP A 523 3.42 -34.25 14.47
CA ASP A 523 2.06 -33.94 14.91
C ASP A 523 1.06 -34.34 13.81
N ILE A 524 -0.25 -34.12 14.02
CA ILE A 524 -1.26 -34.56 13.01
C ILE A 524 -1.01 -34.01 11.62
N TRP A 525 -0.52 -32.78 11.54
CA TRP A 525 -0.27 -32.12 10.28
C TRP A 525 0.75 -32.89 9.47
N ASP A 526 1.80 -33.36 10.15
CA ASP A 526 2.84 -34.17 9.52
C ASP A 526 2.30 -35.52 9.09
N ILE A 527 1.46 -36.10 9.94
CA ILE A 527 0.90 -37.44 9.73
C ILE A 527 -0.08 -37.45 8.56
N ILE A 528 -0.93 -36.43 8.51
CA ILE A 528 -1.88 -36.27 7.40
C ILE A 528 -1.12 -36.02 6.11
N LEU A 529 -0.11 -35.14 6.14
CA LEU A 529 0.67 -34.84 4.91
C LEU A 529 1.40 -36.06 4.33
N LYS A 530 2.06 -36.84 5.19
CA LYS A 530 2.74 -38.06 4.75
C LYS A 530 1.79 -38.95 3.93
N LYS A 531 0.68 -39.33 4.53
CA LYS A 531 -0.32 -40.17 3.87
C LYS A 531 -0.83 -39.52 2.58
N ALA A 532 -1.09 -38.23 2.65
CA ALA A 532 -1.73 -37.48 1.58
C ALA A 532 -0.88 -37.36 0.32
N MET A 533 0.45 -37.28 0.47
CA MET A 533 1.35 -37.17 -0.69
C MET A 533 1.77 -38.51 -1.33
N LYS A 534 1.32 -39.62 -0.76
CA LYS A 534 1.60 -40.96 -1.26
C LYS A 534 0.64 -41.22 -2.50
N ASN A 535 0.95 -42.30 -3.22
CA ASN A 535 0.23 -42.67 -4.45
C ASN A 535 0.15 -41.51 -5.45
N SER A 536 1.31 -40.92 -5.74
CA SER A 536 1.39 -39.75 -6.61
C SER A 536 2.29 -39.90 -7.83
N VAL A 537 2.68 -41.12 -8.17
CA VAL A 537 3.53 -41.35 -9.33
C VAL A 537 2.92 -40.70 -10.59
N GLY A 538 3.77 -40.01 -11.35
CA GLY A 538 3.34 -39.33 -12.55
C GLY A 538 2.80 -37.94 -12.33
N LEU A 539 2.59 -37.52 -11.08
CA LEU A 539 2.01 -36.20 -10.82
C LEU A 539 3.07 -35.11 -10.89
N PRO A 540 2.66 -33.90 -11.31
CA PRO A 540 3.58 -32.78 -11.46
C PRO A 540 4.07 -32.19 -10.14
N VAL A 541 5.31 -31.74 -10.17
CA VAL A 541 5.98 -31.11 -9.03
C VAL A 541 6.62 -29.81 -9.50
N ALA A 542 6.44 -28.74 -8.72
CA ALA A 542 6.96 -27.41 -9.07
C ALA A 542 8.09 -26.95 -8.16
N VAL A 543 8.65 -25.79 -8.50
CA VAL A 543 9.47 -24.99 -7.60
C VAL A 543 8.83 -23.61 -7.52
N GLN A 544 9.22 -22.86 -6.50
CA GLN A 544 8.74 -21.48 -6.32
C GLN A 544 9.84 -20.46 -6.60
N CYS A 545 9.45 -19.38 -7.28
CA CYS A 545 10.35 -18.31 -7.68
C CYS A 545 9.89 -17.00 -7.06
N VAL A 546 10.79 -16.32 -6.36
CA VAL A 546 10.46 -15.14 -5.57
C VAL A 546 11.39 -13.97 -5.91
N ALA A 547 10.85 -12.77 -5.87
CA ALA A 547 11.63 -11.55 -6.05
C ALA A 547 11.18 -10.53 -5.02
N LEU A 548 11.82 -9.36 -4.97
CA LEU A 548 11.43 -8.32 -3.99
C LEU A 548 10.09 -7.67 -4.38
N PRO A 549 9.45 -6.94 -3.43
CA PRO A 549 8.21 -6.25 -3.79
C PRO A 549 8.36 -5.39 -5.05
N TRP A 550 7.30 -5.39 -5.85
CA TRP A 550 7.21 -4.68 -7.14
C TRP A 550 8.14 -5.19 -8.24
N GLN A 551 8.72 -6.37 -8.06
CA GLN A 551 9.64 -6.90 -9.07
C GLN A 551 9.05 -8.12 -9.78
N GLU A 552 7.84 -7.94 -10.30
CA GLU A 552 7.13 -9.02 -10.97
C GLU A 552 7.85 -9.42 -12.25
N GLU A 553 8.44 -8.44 -12.93
CA GLU A 553 9.12 -8.68 -14.21
C GLU A 553 10.38 -9.53 -14.03
N LEU A 554 11.16 -9.23 -12.99
CA LEU A 554 12.37 -10.01 -12.66
C LEU A 554 11.98 -11.40 -12.16
N CYS A 555 10.92 -11.48 -11.38
CA CYS A 555 10.40 -12.77 -10.92
C CYS A 555 10.00 -13.63 -12.12
N LEU A 556 9.32 -13.03 -13.10
CA LEU A 556 8.93 -13.73 -14.33
C LEU A 556 10.15 -14.08 -15.21
N ARG A 557 11.10 -13.15 -15.32
CA ARG A 557 12.41 -13.43 -15.95
C ARG A 557 13.06 -14.70 -15.40
N PHE A 558 12.98 -14.88 -14.07
CA PHE A 558 13.58 -16.01 -13.38
C PHE A 558 12.75 -17.29 -13.60
N MET A 559 11.44 -17.17 -13.49
CA MET A 559 10.51 -18.25 -13.85
C MET A 559 10.74 -18.71 -15.30
N ARG A 560 10.86 -17.75 -16.21
CA ARG A 560 11.14 -18.07 -17.60
C ARG A 560 12.43 -18.88 -17.72
N GLU A 561 13.45 -18.52 -16.95
CA GLU A 561 14.73 -19.23 -16.94
C GLU A 561 14.63 -20.67 -16.39
N VAL A 562 13.87 -20.84 -15.31
CA VAL A 562 13.62 -22.17 -14.75
C VAL A 562 12.88 -23.04 -15.76
N GLU A 563 11.82 -22.50 -16.35
CA GLU A 563 11.03 -23.22 -17.34
C GLU A 563 11.87 -23.70 -18.52
N GLN A 564 12.72 -22.82 -19.04
CA GLN A 564 13.55 -23.17 -20.19
C GLN A 564 14.60 -24.25 -19.89
N LEU A 565 15.22 -24.17 -18.73
CA LEU A 565 16.25 -25.14 -18.33
C LEU A 565 15.67 -26.50 -17.96
N MET A 566 14.47 -26.53 -17.39
CA MET A 566 13.88 -27.77 -16.89
C MET A 566 12.87 -28.38 -17.89
N THR A 567 12.20 -27.54 -18.65
CA THR A 567 11.22 -27.98 -19.64
C THR A 567 11.38 -27.11 -20.88
N PRO A 568 12.44 -27.36 -21.67
CA PRO A 568 12.80 -26.45 -22.77
C PRO A 568 11.79 -26.38 -23.92
N GLN A 569 10.89 -27.37 -24.02
CA GLN A 569 9.88 -27.41 -25.09
C GLN A 569 8.60 -26.59 -24.81
N LYS A 570 8.43 -26.11 -23.58
CA LYS A 570 7.33 -25.17 -23.26
C LYS A 570 7.52 -23.81 -23.91
N GLN A 571 8.77 -23.47 -24.25
CA GLN A 571 9.10 -22.26 -25.03
C GLN A 571 9.98 -22.62 -26.23
N PRO A 572 10.16 -21.66 -27.17
CA PRO A 572 11.02 -21.92 -28.33
C PRO A 572 12.52 -21.90 -27.98
N THR B 26 8.33 16.38 40.71
CA THR B 26 8.02 14.97 41.10
C THR B 26 7.40 14.22 39.92
N GLY B 27 8.08 13.14 39.51
CA GLY B 27 7.72 12.41 38.31
C GLY B 27 8.22 13.15 37.08
N ARG B 28 8.91 14.26 37.27
CA ARG B 28 9.42 15.06 36.16
C ARG B 28 10.94 15.29 36.23
N GLN B 29 11.63 14.53 37.08
CA GLN B 29 13.05 14.73 37.26
C GLN B 29 13.79 14.31 36.01
N LYS B 30 13.43 13.14 35.49
CA LYS B 30 13.96 12.64 34.22
C LYS B 30 13.61 13.60 33.07
N ALA B 31 12.36 14.06 33.04
CA ALA B 31 11.92 15.03 32.03
C ALA B 31 12.70 16.35 32.07
N ARG B 32 12.91 16.89 33.27
CA ARG B 32 13.67 18.13 33.45
C ARG B 32 15.14 17.97 33.04
N GLY B 33 15.71 16.79 33.28
CA GLY B 33 17.09 16.50 32.91
C GLY B 33 17.26 16.43 31.41
N ALA B 34 16.29 15.82 30.74
CA ALA B 34 16.27 15.74 29.29
C ALA B 34 16.18 17.13 28.64
N ALA B 35 15.36 18.01 29.21
CA ALA B 35 15.21 19.38 28.68
C ALA B 35 16.51 20.16 28.85
N THR B 36 17.13 20.03 30.02
CA THR B 36 18.38 20.73 30.35
C THR B 36 19.47 20.33 29.35
N ARG B 37 19.68 19.02 29.18
CA ARG B 37 20.67 18.52 28.22
C ARG B 37 20.35 18.86 26.76
N ALA B 38 19.06 18.86 26.39
CA ALA B 38 18.63 19.22 25.05
C ALA B 38 18.90 20.70 24.70
N ARG B 39 18.54 21.60 25.61
CA ARG B 39 18.78 23.03 25.42
C ARG B 39 20.26 23.33 25.30
N GLN B 40 21.08 22.59 26.03
CA GLN B 40 22.53 22.75 25.95
C GLN B 40 23.06 22.25 24.61
N LYS B 41 22.53 21.14 24.10
CA LYS B 41 22.92 20.64 22.77
C LYS B 41 22.55 21.63 21.67
N GLN B 42 21.37 22.22 21.79
CA GLN B 42 20.89 23.24 20.85
C GLN B 42 21.79 24.49 20.88
N ARG B 43 21.99 25.03 22.08
CA ARG B 43 22.88 26.18 22.29
C ARG B 43 24.27 25.93 21.69
N ALA B 44 24.81 24.73 21.92
CA ALA B 44 26.14 24.36 21.42
C ALA B 44 26.17 24.17 19.90
N SER B 45 25.10 23.62 19.32
CA SER B 45 24.93 23.54 17.86
C SER B 45 24.95 24.93 17.23
N LEU B 46 24.14 25.84 17.76
CA LEU B 46 24.03 27.18 17.22
C LEU B 46 25.36 27.93 17.32
N GLU B 47 26.07 27.76 18.44
CA GLU B 47 27.40 28.35 18.61
C GLU B 47 28.36 27.79 17.57
N THR B 48 28.29 26.48 17.33
CA THR B 48 29.14 25.85 16.33
C THR B 48 28.84 26.41 14.94
N MET B 49 27.56 26.61 14.62
CA MET B 49 27.15 27.22 13.36
C MET B 49 27.74 28.62 13.21
N ASP B 50 27.62 29.42 14.27
CA ASP B 50 28.08 30.80 14.26
C ASP B 50 29.57 30.90 13.97
N LYS B 51 30.37 30.08 14.63
CA LYS B 51 31.81 30.08 14.44
C LYS B 51 32.23 29.66 13.04
N ALA B 52 31.52 28.69 12.48
CA ALA B 52 31.77 28.25 11.10
C ALA B 52 31.49 29.39 10.12
N VAL B 53 30.37 30.07 10.33
CA VAL B 53 29.97 31.21 9.53
C VAL B 53 30.94 32.39 9.63
N GLN B 54 31.33 32.77 10.85
CA GLN B 54 32.26 33.89 11.04
C GLN B 54 33.59 33.61 10.36
N ARG B 55 34.02 32.34 10.43
CA ARG B 55 35.26 31.90 9.79
C ARG B 55 35.17 32.02 8.27
N PHE B 56 34.04 31.64 7.68
CA PHE B 56 33.88 31.70 6.23
C PHE B 56 33.85 33.15 5.75
N ARG B 57 33.10 33.99 6.47
CA ARG B 57 32.95 35.38 6.10
C ARG B 57 34.26 36.14 6.14
N LEU B 58 35.08 35.85 7.15
CA LEU B 58 36.43 36.43 7.25
C LEU B 58 37.27 36.14 6.00
N GLN B 59 37.13 34.94 5.44
CA GLN B 59 37.86 34.55 4.24
C GLN B 59 37.20 35.03 2.94
N ASN B 60 35.92 35.36 3.00
CA ASN B 60 35.15 35.74 1.81
C ASN B 60 34.32 37.00 2.03
N PRO B 61 34.98 38.13 2.31
CA PRO B 61 34.31 39.40 2.59
C PRO B 61 33.63 40.04 1.38
N ASP B 62 34.07 39.72 0.16
CA ASP B 62 33.52 40.31 -1.06
C ASP B 62 32.35 39.53 -1.67
N LEU B 63 31.95 38.43 -1.05
CA LEU B 63 30.85 37.61 -1.54
C LEU B 63 29.49 38.30 -1.36
N ASP B 64 28.74 38.44 -2.46
CA ASP B 64 27.39 39.00 -2.43
C ASP B 64 26.41 37.92 -1.93
N SER B 65 26.12 37.93 -0.64
CA SER B 65 25.25 36.93 -0.04
C SER B 65 23.77 37.18 -0.30
N GLU B 66 23.38 38.44 -0.46
CA GLU B 66 22.01 38.78 -0.88
C GLU B 66 21.68 38.23 -2.26
N ALA B 67 22.62 38.37 -3.19
CA ALA B 67 22.48 37.78 -4.53
C ALA B 67 22.24 36.28 -4.45
N LEU B 68 23.10 35.61 -3.68
CA LEU B 68 23.07 34.16 -3.59
C LEU B 68 21.80 33.64 -2.90
N LEU B 69 21.38 34.32 -1.83
CA LEU B 69 20.24 33.89 -1.01
C LEU B 69 18.91 34.07 -1.75
N THR B 70 18.82 35.09 -2.60
CA THR B 70 17.59 35.39 -3.32
C THR B 70 17.47 34.63 -4.64
N LEU B 71 18.51 33.93 -5.05
CA LEU B 71 18.43 33.04 -6.21
C LEU B 71 17.36 31.97 -5.98
N PRO B 72 16.43 31.81 -6.93
CA PRO B 72 15.52 30.67 -6.92
C PRO B 72 16.33 29.36 -6.96
N LEU B 73 15.85 28.34 -6.26
CA LEU B 73 16.59 27.08 -6.14
C LEU B 73 17.09 26.54 -7.47
N LEU B 74 16.23 26.54 -8.49
CA LEU B 74 16.62 25.99 -9.79
C LEU B 74 17.83 26.74 -10.39
N GLN B 75 17.92 28.04 -10.13
CA GLN B 75 19.05 28.85 -10.61
C GLN B 75 20.31 28.54 -9.81
N LEU B 76 20.17 28.50 -8.48
CA LEU B 76 21.23 28.09 -7.57
C LEU B 76 21.84 26.74 -7.95
N VAL B 77 20.97 25.76 -8.18
CA VAL B 77 21.36 24.42 -8.65
C VAL B 77 22.16 24.49 -9.95
N GLN B 78 21.73 25.35 -10.86
CA GLN B 78 22.38 25.49 -12.16
C GLN B 78 23.79 26.06 -12.01
N LYS B 79 23.95 27.07 -11.15
CA LYS B 79 25.24 27.71 -10.91
C LYS B 79 26.17 26.83 -10.10
N LEU B 80 25.61 25.95 -9.28
CA LEU B 80 26.40 24.95 -8.54
C LEU B 80 26.89 23.86 -9.50
N GLN B 81 26.01 23.41 -10.39
CA GLN B 81 26.36 22.41 -11.39
C GLN B 81 27.37 22.92 -12.42
N SER B 82 27.30 24.20 -12.75
CA SER B 82 28.23 24.79 -13.72
C SER B 82 29.57 25.20 -13.10
N GLY B 83 29.61 25.32 -11.78
CA GLY B 83 30.83 25.72 -11.07
C GLY B 83 30.96 27.21 -10.86
N GLU B 84 29.91 27.95 -11.19
CA GLU B 84 29.89 29.42 -11.07
C GLU B 84 29.78 29.85 -9.62
N LEU B 85 29.05 29.06 -8.82
CA LEU B 85 29.06 29.16 -7.36
C LEU B 85 29.64 27.88 -6.77
N SER B 86 30.42 28.01 -5.71
CA SER B 86 31.03 26.85 -5.07
C SER B 86 30.07 26.31 -4.01
N PRO B 87 30.16 24.99 -3.72
CA PRO B 87 29.28 24.46 -2.69
C PRO B 87 29.52 25.12 -1.32
N GLU B 88 30.76 25.54 -1.07
CA GLU B 88 31.11 26.18 0.19
C GLU B 88 30.44 27.56 0.33
N ALA B 89 30.50 28.35 -0.75
CA ALA B 89 29.86 29.67 -0.76
C ALA B 89 28.38 29.53 -0.42
N VAL B 90 27.71 28.61 -1.11
CA VAL B 90 26.26 28.41 -0.94
C VAL B 90 25.95 27.87 0.45
N PHE B 91 26.74 26.91 0.91
CA PHE B 91 26.52 26.29 2.21
C PHE B 91 26.63 27.28 3.37
N PHE B 92 27.78 27.94 3.47
CA PHE B 92 28.02 28.86 4.60
C PHE B 92 27.19 30.14 4.56
N THR B 93 26.86 30.62 3.35
CA THR B 93 25.93 31.75 3.21
C THR B 93 24.54 31.36 3.74
N TYR B 94 24.04 30.19 3.33
CA TYR B 94 22.76 29.68 3.85
C TYR B 94 22.82 29.37 5.35
N LEU B 95 23.95 28.86 5.81
CA LEU B 95 24.12 28.53 7.23
C LEU B 95 24.02 29.79 8.09
N GLY B 96 24.64 30.86 7.63
CA GLY B 96 24.62 32.15 8.33
C GLY B 96 23.22 32.73 8.39
N LYS B 97 22.52 32.69 7.26
CA LYS B 97 21.13 33.12 7.21
C LYS B 97 20.25 32.27 8.13
N ALA B 98 20.47 30.95 8.13
CA ALA B 98 19.73 30.05 9.02
C ALA B 98 19.91 30.44 10.49
N TRP B 99 21.16 30.65 10.90
CA TRP B 99 21.48 31.07 12.25
C TRP B 99 20.80 32.40 12.62
N GLU B 100 20.82 33.34 11.67
CA GLU B 100 20.23 34.66 11.86
C GLU B 100 18.71 34.62 12.04
N VAL B 101 18.01 33.94 11.14
CA VAL B 101 16.54 33.83 11.22
C VAL B 101 16.07 33.02 12.44
N ASN B 102 16.88 32.06 12.87
CA ASN B 102 16.59 31.33 14.11
C ASN B 102 16.43 32.25 15.34
N LYS B 103 17.13 33.39 15.34
CA LYS B 103 17.05 34.30 16.47
C LYS B 103 15.61 34.73 16.76
N GLY B 104 14.84 34.98 15.71
CA GLY B 104 13.46 35.47 15.85
C GLY B 104 12.40 34.38 15.81
N THR B 105 12.80 33.16 15.43
CA THR B 105 11.86 32.08 15.18
C THR B 105 12.06 30.83 16.04
N ASN B 106 13.28 30.59 16.52
CA ASN B 106 13.61 29.36 17.25
C ASN B 106 13.15 28.12 16.48
N CYS B 107 13.59 28.00 15.23
CA CYS B 107 13.17 26.88 14.36
C CYS B 107 14.19 25.74 14.29
N VAL B 108 15.44 25.99 14.67
CA VAL B 108 16.51 25.00 14.58
C VAL B 108 16.77 24.35 15.93
N THR B 109 16.70 23.01 15.98
CA THR B 109 17.02 22.27 17.21
C THR B 109 18.49 21.77 17.26
N SER B 110 19.04 21.44 16.09
CA SER B 110 20.36 20.80 15.99
C SER B 110 21.03 21.08 14.64
N TYR B 111 22.33 21.34 14.70
CA TYR B 111 23.19 21.49 13.52
C TYR B 111 23.73 20.12 13.19
N LEU B 112 23.52 19.66 11.97
CA LEU B 112 23.99 18.35 11.56
C LEU B 112 25.48 18.46 11.20
N THR B 113 26.31 18.46 12.24
CA THR B 113 27.76 18.78 12.17
C THR B 113 28.53 18.05 11.06
N ASP B 114 28.07 16.85 10.73
CA ASP B 114 28.64 16.00 9.66
C ASP B 114 28.79 16.73 8.32
N CYS B 115 28.00 17.79 8.13
CA CYS B 115 27.67 18.30 6.80
C CYS B 115 28.75 19.09 6.05
N GLU B 116 29.86 19.42 6.72
CA GLU B 116 30.98 20.07 6.04
C GLU B 116 31.87 19.04 5.33
N THR B 117 31.96 17.83 5.88
CA THR B 117 32.63 16.72 5.18
C THR B 117 31.75 16.18 4.05
N GLN B 118 30.43 16.11 4.25
CA GLN B 118 29.48 15.72 3.20
C GLN B 118 29.49 16.76 2.08
N LEU B 119 29.63 18.03 2.46
CA LEU B 119 29.70 19.12 1.49
C LEU B 119 30.80 18.88 0.45
N SER B 120 31.96 18.42 0.91
CA SER B 120 33.08 18.16 -0.01
C SER B 120 33.07 16.76 -0.63
N GLN B 121 32.09 15.93 -0.29
CA GLN B 121 31.95 14.59 -0.86
C GLN B 121 30.67 14.42 -1.70
N ALA B 122 29.89 15.50 -1.82
CA ALA B 122 28.62 15.49 -2.56
C ALA B 122 28.83 15.07 -4.02
N PRO B 123 28.23 13.93 -4.44
CA PRO B 123 28.33 13.50 -5.84
C PRO B 123 28.02 14.63 -6.84
N ARG B 124 28.93 14.80 -7.79
CA ARG B 124 29.05 16.03 -8.60
C ARG B 124 27.99 16.17 -9.67
N GLN B 125 27.54 15.05 -10.22
CA GLN B 125 26.44 15.02 -11.19
C GLN B 125 25.07 14.85 -10.51
N GLY B 126 25.03 14.93 -9.18
CA GLY B 126 23.78 14.85 -8.45
C GLY B 126 22.84 15.98 -8.82
N LEU B 127 21.55 15.68 -8.85
CA LEU B 127 20.53 16.64 -9.24
C LEU B 127 20.32 17.74 -8.21
N LEU B 128 20.70 17.48 -6.96
CA LEU B 128 20.71 18.50 -5.89
C LEU B 128 22.14 18.84 -5.43
N TYR B 129 23.13 18.67 -6.31
CA TYR B 129 24.54 18.93 -5.97
C TYR B 129 24.76 20.32 -5.32
N GLY B 130 25.37 20.31 -4.12
CA GLY B 130 25.67 21.52 -3.36
C GLY B 130 24.49 22.18 -2.66
N VAL B 131 23.31 21.59 -2.72
CA VAL B 131 22.11 22.25 -2.20
C VAL B 131 21.94 21.99 -0.70
N PRO B 132 21.95 23.06 0.13
CA PRO B 132 21.65 22.86 1.54
C PRO B 132 20.17 22.53 1.74
N VAL B 133 19.90 21.48 2.52
CA VAL B 133 18.53 21.04 2.75
C VAL B 133 18.26 20.97 4.25
N SER B 134 17.11 21.47 4.67
CA SER B 134 16.69 21.39 6.07
C SER B 134 15.79 20.18 6.27
N LEU B 135 15.89 19.58 7.47
CA LEU B 135 15.14 18.36 7.79
C LEU B 135 14.28 18.54 9.04
N LYS B 136 13.01 18.17 8.94
CA LYS B 136 12.18 18.00 10.13
C LYS B 136 12.90 17.00 11.07
N GLU B 137 12.85 17.28 12.36
CA GLU B 137 13.65 16.54 13.33
C GLU B 137 13.43 15.02 13.32
N CYS B 138 12.30 14.57 12.78
CA CYS B 138 11.96 13.15 12.74
C CYS B 138 12.66 12.38 11.62
N PHE B 139 13.30 13.10 10.70
CA PHE B 139 14.10 12.43 9.69
C PHE B 139 15.39 11.99 10.35
N SER B 140 15.56 10.70 10.61
CA SER B 140 16.73 10.22 11.35
C SER B 140 18.03 10.59 10.67
N TYR B 141 18.99 11.03 11.48
CA TYR B 141 20.28 11.47 11.00
C TYR B 141 21.31 10.90 11.93
N LYS B 142 22.28 10.18 11.39
CA LYS B 142 23.28 9.48 12.20
C LYS B 142 23.95 10.37 13.26
N GLY B 143 23.96 9.89 14.52
CA GLY B 143 24.58 10.58 15.65
C GLY B 143 23.70 11.62 16.35
N HIS B 144 22.49 11.82 15.83
CA HIS B 144 21.57 12.84 16.34
C HIS B 144 20.29 12.23 16.89
N ASP B 145 19.78 12.84 17.96
CA ASP B 145 18.47 12.52 18.51
C ASP B 145 17.38 12.93 17.53
N SER B 146 16.31 12.14 17.49
CA SER B 146 15.04 12.63 16.95
C SER B 146 14.06 12.59 18.12
N THR B 147 14.08 13.66 18.93
CA THR B 147 13.39 13.68 20.21
C THR B 147 11.89 13.69 20.03
N LEU B 148 11.44 14.41 18.99
CA LEU B 148 10.03 14.77 18.78
C LEU B 148 9.49 15.63 19.94
N GLY B 149 10.40 16.26 20.68
CA GLY B 149 10.03 17.01 21.88
C GLY B 149 9.71 16.17 23.10
N LEU B 150 9.89 14.86 22.98
CA LEU B 150 9.55 13.94 24.05
C LEU B 150 10.79 13.54 24.83
N SER B 151 10.64 13.54 26.16
CA SER B 151 11.74 13.23 27.06
C SER B 151 12.31 11.83 26.83
N LEU B 152 11.43 10.85 26.58
CA LEU B 152 11.86 9.45 26.40
C LEU B 152 12.79 9.24 25.20
N ASN B 153 12.79 10.17 24.24
CA ASN B 153 13.65 10.07 23.03
C ASN B 153 14.94 10.90 23.11
N GLU B 154 15.25 11.43 24.28
CA GLU B 154 16.46 12.24 24.46
C GLU B 154 17.62 11.32 24.85
N GLY B 155 18.80 11.60 24.32
CA GLY B 155 19.97 10.74 24.53
C GLY B 155 19.83 9.38 23.85
N MET B 156 19.07 9.32 22.77
CA MET B 156 18.88 8.11 21.97
C MET B 156 19.25 8.51 20.55
N PRO B 157 20.56 8.67 20.28
CA PRO B 157 20.97 9.14 18.96
C PRO B 157 20.77 8.08 17.88
N SER B 158 20.42 8.54 16.69
CA SER B 158 20.12 7.60 15.61
C SER B 158 21.39 6.93 15.12
N GLU B 159 21.33 5.61 14.92
CA GLU B 159 22.49 4.84 14.50
C GLU B 159 22.83 5.01 13.01
N SER B 160 21.89 5.56 12.23
CA SER B 160 22.11 5.79 10.81
C SER B 160 21.12 6.78 10.20
N ASP B 161 21.48 7.34 9.04
CA ASP B 161 20.57 8.20 8.30
C ASP B 161 19.37 7.39 7.82
N CYS B 162 18.20 8.01 7.79
CA CYS B 162 17.04 7.38 7.18
C CYS B 162 17.22 7.33 5.66
N VAL B 163 16.38 6.53 4.98
CA VAL B 163 16.53 6.29 3.54
C VAL B 163 16.49 7.58 2.71
N VAL B 164 15.53 8.47 2.97
CA VAL B 164 15.41 9.72 2.18
C VAL B 164 16.62 10.65 2.39
N VAL B 165 17.16 10.69 3.61
CA VAL B 165 18.44 11.40 3.87
C VAL B 165 19.59 10.79 3.08
N GLN B 166 19.67 9.46 3.07
CA GLN B 166 20.66 8.75 2.23
C GLN B 166 20.54 9.13 0.75
N VAL B 167 19.33 9.23 0.24
CA VAL B 167 19.10 9.54 -1.17
C VAL B 167 19.42 11.02 -1.46
N LEU B 168 19.06 11.91 -0.53
CA LEU B 168 19.42 13.31 -0.65
C LEU B 168 20.93 13.46 -0.79
N LYS B 169 21.68 12.80 0.09
CA LYS B 169 23.13 12.81 0.05
C LYS B 169 23.69 12.22 -1.25
N LEU B 170 23.10 11.13 -1.73
CA LEU B 170 23.51 10.50 -3.00
C LEU B 170 23.18 11.38 -4.21
N GLN B 171 22.22 12.28 -4.08
CA GLN B 171 21.92 13.29 -5.12
C GLN B 171 22.69 14.61 -4.93
N GLY B 172 23.68 14.61 -4.04
CA GLY B 172 24.55 15.77 -3.84
C GLY B 172 24.06 16.84 -2.87
N ALA B 173 22.91 16.63 -2.27
CA ALA B 173 22.36 17.57 -1.29
C ALA B 173 23.18 17.56 0.00
N VAL B 174 23.04 18.61 0.79
CA VAL B 174 23.76 18.74 2.05
C VAL B 174 22.76 19.02 3.18
N PRO B 175 22.18 17.96 3.77
CA PRO B 175 21.36 18.18 4.97
C PRO B 175 22.16 18.90 6.04
N PHE B 176 21.65 20.01 6.56
CA PHE B 176 22.44 20.85 7.48
C PHE B 176 21.83 21.12 8.85
N VAL B 177 20.50 21.05 8.98
CA VAL B 177 19.83 21.25 10.25
C VAL B 177 18.63 20.33 10.47
N HIS B 178 18.37 20.04 11.74
CA HIS B 178 17.10 19.52 12.19
C HIS B 178 16.30 20.71 12.67
N THR B 179 15.01 20.72 12.31
CA THR B 179 14.14 21.82 12.67
C THR B 179 13.03 21.37 13.63
N ASN B 180 12.48 22.33 14.37
CA ASN B 180 11.59 22.03 15.50
C ASN B 180 10.22 21.50 15.06
N VAL B 181 9.62 20.72 15.96
CA VAL B 181 8.29 20.15 15.80
C VAL B 181 7.54 20.36 17.10
N PRO B 182 6.19 20.36 17.05
CA PRO B 182 5.45 20.30 18.32
C PRO B 182 5.65 18.94 19.01
N GLN B 183 5.58 18.92 20.35
CA GLN B 183 5.77 17.69 21.10
C GLN B 183 4.90 16.58 20.55
N SER B 184 5.54 15.47 20.15
CA SER B 184 4.91 14.26 19.59
C SER B 184 4.60 14.35 18.08
N MET B 185 4.65 15.57 17.54
CA MET B 185 4.26 15.90 16.16
C MET B 185 2.76 15.83 15.87
N PHE B 186 1.95 15.45 16.86
CA PHE B 186 0.51 15.38 16.66
C PHE B 186 -0.21 16.70 17.03
N SER B 187 0.01 17.70 16.18
CA SER B 187 -0.34 19.09 16.45
C SER B 187 -0.03 19.91 15.20
N TYR B 188 -0.82 20.94 14.92
CA TYR B 188 -0.44 21.90 13.88
C TYR B 188 0.04 23.24 14.43
N ASP B 189 0.60 23.18 15.63
CA ASP B 189 1.38 24.28 16.21
C ASP B 189 2.84 23.75 16.27
N CYS B 190 3.71 24.40 17.05
CA CYS B 190 5.12 24.03 17.03
C CYS B 190 5.89 24.33 18.30
N SER B 191 5.50 23.69 19.40
CA SER B 191 6.20 23.83 20.66
C SER B 191 6.42 22.48 21.36
N ASN B 192 7.57 22.33 22.00
CA ASN B 192 7.77 21.20 22.90
C ASN B 192 8.54 21.63 24.16
N PRO B 193 8.48 20.81 25.22
CA PRO B 193 9.20 21.14 26.48
C PRO B 193 10.74 21.10 26.43
N LEU B 194 11.32 20.64 25.32
CA LEU B 194 12.76 20.52 25.19
C LEU B 194 13.38 21.75 24.53
N PHE B 195 12.96 22.04 23.30
CA PHE B 195 13.52 23.17 22.55
C PHE B 195 12.61 24.40 22.59
N GLY B 196 11.39 24.22 23.07
CA GLY B 196 10.48 25.32 23.24
C GLY B 196 9.67 25.58 21.98
N GLN B 197 9.26 26.84 21.86
CA GLN B 197 8.25 27.28 20.92
C GLN B 197 8.87 27.90 19.67
N THR B 198 8.45 27.45 18.50
CA THR B 198 8.84 28.06 17.25
C THR B 198 7.81 29.13 16.86
N MET B 199 8.28 30.24 16.33
CA MET B 199 7.42 31.38 16.03
C MET B 199 7.39 31.66 14.53
N ASN B 200 6.25 32.18 14.06
CA ASN B 200 6.05 32.53 12.67
C ASN B 200 6.96 33.72 12.36
N PRO B 201 7.71 33.66 11.24
CA PRO B 201 8.61 34.77 10.90
C PRO B 201 7.89 36.06 10.43
N TRP B 202 6.62 35.94 10.04
CA TRP B 202 5.86 37.10 9.60
C TRP B 202 5.34 37.93 10.78
N LYS B 203 5.09 37.27 11.90
CA LYS B 203 4.58 37.93 13.11
C LYS B 203 4.79 36.99 14.29
N SER B 204 5.57 37.43 15.26
CA SER B 204 6.08 36.53 16.30
C SER B 204 5.01 36.03 17.30
N SER B 205 3.83 36.65 17.29
CA SER B 205 2.70 36.20 18.11
C SER B 205 1.89 35.11 17.42
N LYS B 206 2.27 34.78 16.17
CA LYS B 206 1.56 33.80 15.38
C LYS B 206 2.32 32.47 15.33
N SER B 207 1.55 31.40 15.18
CA SER B 207 2.10 30.06 14.99
C SER B 207 2.67 29.94 13.59
N PRO B 208 3.83 29.25 13.45
CA PRO B 208 4.35 28.95 12.13
C PRO B 208 3.59 27.79 11.47
N GLY B 209 2.59 27.27 12.17
CA GLY B 209 1.87 26.09 11.72
C GLY B 209 2.72 24.94 12.23
N GLY B 210 2.35 23.71 11.87
CA GLY B 210 3.06 22.52 12.31
C GLY B 210 2.42 21.33 11.64
N SER B 211 2.93 20.13 11.92
CA SER B 211 4.01 19.94 12.82
C SER B 211 5.40 20.16 12.22
N SER B 212 5.49 20.32 10.94
CA SER B 212 6.72 20.77 10.26
C SER B 212 6.88 22.28 10.39
N GLY B 213 6.74 22.80 11.62
CA GLY B 213 6.72 24.23 11.84
C GLY B 213 8.10 24.85 11.72
N GLY B 214 9.12 24.15 12.18
CA GLY B 214 10.48 24.62 12.05
C GLY B 214 10.85 24.79 10.58
N GLU B 215 10.38 23.88 9.73
CA GLU B 215 10.64 23.96 8.29
C GLU B 215 9.97 25.16 7.68
N GLY B 216 8.71 25.39 8.03
CA GLY B 216 7.97 26.53 7.52
C GLY B 216 8.67 27.82 7.86
N ALA B 217 9.06 27.95 9.12
CA ALA B 217 9.68 29.18 9.60
C ALA B 217 11.05 29.40 8.98
N LEU B 218 11.82 28.33 8.78
CA LEU B 218 13.18 28.47 8.24
C LEU B 218 13.13 28.81 6.76
N ILE B 219 12.42 27.99 6.00
CA ILE B 219 12.27 28.22 4.55
C ILE B 219 11.57 29.57 4.31
N GLY B 220 10.53 29.83 5.09
CA GLY B 220 9.71 31.05 4.94
C GLY B 220 10.40 32.36 5.25
N SER B 221 11.49 32.31 5.99
CA SER B 221 12.31 33.52 6.26
C SER B 221 13.60 33.55 5.43
N GLY B 222 13.76 32.57 4.53
CA GLY B 222 14.93 32.53 3.63
C GLY B 222 16.14 31.75 4.13
N GLY B 223 15.99 31.02 5.23
CA GLY B 223 17.12 30.30 5.82
C GLY B 223 17.41 28.92 5.26
N SER B 224 16.62 28.49 4.29
CA SER B 224 16.79 27.19 3.63
C SER B 224 16.04 27.22 2.29
N PRO B 225 16.68 26.72 1.21
CA PRO B 225 16.03 26.72 -0.10
C PRO B 225 15.06 25.53 -0.31
N LEU B 226 15.16 24.52 0.55
CA LEU B 226 14.44 23.27 0.35
C LEU B 226 14.47 22.47 1.65
N GLY B 227 13.33 21.92 2.04
CA GLY B 227 13.27 21.04 3.18
C GLY B 227 12.34 19.87 2.99
N LEU B 228 12.37 18.95 3.95
CA LEU B 228 11.46 17.81 3.97
C LEU B 228 10.63 17.86 5.24
N GLY B 229 9.34 17.54 5.11
CA GLY B 229 8.45 17.40 6.26
C GLY B 229 7.63 16.13 6.18
N THR B 230 6.72 15.94 7.14
CA THR B 230 5.79 14.81 7.14
C THR B 230 4.38 15.35 7.39
N ASP B 231 3.39 14.53 7.07
CA ASP B 231 2.02 14.97 7.03
C ASP B 231 1.10 13.76 7.23
N ILE B 232 0.36 13.76 8.34
CA ILE B 232 -0.68 12.76 8.63
C ILE B 232 -2.09 13.39 8.78
N GLY B 233 -2.13 14.71 9.05
CA GLY B 233 -3.38 15.50 9.11
C GLY B 233 -3.29 16.93 8.57
N GLY B 234 -2.19 17.25 7.87
CA GLY B 234 -1.94 18.60 7.34
C GLY B 234 -0.54 19.16 7.56
N SER B 235 0.35 18.39 8.18
CA SER B 235 1.59 18.94 8.77
C SER B 235 2.66 19.47 7.80
N ILE B 236 2.50 19.22 6.50
CA ILE B 236 3.31 19.88 5.47
C ILE B 236 2.59 21.15 5.01
N ARG B 237 1.26 21.04 4.95
CA ARG B 237 0.44 22.06 4.32
C ARG B 237 0.13 23.25 5.25
N PHE B 238 -0.13 22.98 6.52
CA PHE B 238 -0.30 24.03 7.54
C PHE B 238 0.90 25.00 7.65
N PRO B 239 2.12 24.47 7.92
CA PRO B 239 3.26 25.40 8.00
C PRO B 239 3.63 26.07 6.67
N SER B 240 3.43 25.39 5.56
CA SER B 240 3.57 26.01 4.26
C SER B 240 2.61 27.19 4.09
N ALA B 241 1.31 26.96 4.35
CA ALA B 241 0.30 28.02 4.22
C ALA B 241 0.55 29.18 5.20
N PHE B 242 0.88 28.84 6.43
CA PHE B 242 1.03 29.83 7.50
C PHE B 242 2.26 30.72 7.32
N CYS B 243 3.31 30.16 6.71
CA CYS B 243 4.58 30.85 6.50
C CYS B 243 4.80 31.37 5.07
N GLY B 244 3.83 31.19 4.18
CA GLY B 244 3.89 31.74 2.82
C GLY B 244 4.82 30.99 1.89
N ILE B 245 4.84 29.67 2.00
CA ILE B 245 5.71 28.86 1.13
C ILE B 245 4.90 27.72 0.49
N CYS B 246 5.52 27.01 -0.45
CA CYS B 246 4.89 25.86 -1.12
C CYS B 246 5.24 24.52 -0.46
N GLY B 247 4.31 23.58 -0.53
CA GLY B 247 4.45 22.28 0.11
C GLY B 247 3.62 21.23 -0.58
N LEU B 248 4.15 20.01 -0.66
CA LEU B 248 3.43 18.89 -1.27
C LEU B 248 3.45 17.67 -0.34
N LYS B 249 2.26 17.19 0.01
CA LYS B 249 2.06 15.89 0.60
C LYS B 249 1.66 14.87 -0.49
N PRO B 250 2.60 14.03 -0.92
CA PRO B 250 2.28 12.96 -1.88
C PRO B 250 1.39 11.87 -1.30
N THR B 251 0.99 10.95 -2.16
CA THR B 251 0.38 9.69 -1.75
C THR B 251 1.35 9.11 -0.72
N GLY B 252 0.81 8.46 0.30
CA GLY B 252 1.60 8.00 1.44
C GLY B 252 2.78 7.12 1.09
N ASN B 253 2.59 6.22 0.14
CA ASN B 253 3.66 5.28 -0.18
C ASN B 253 4.41 5.63 -1.48
N ARG B 254 4.42 6.91 -1.84
CA ARG B 254 5.23 7.40 -2.97
C ARG B 254 6.72 7.56 -2.58
N LEU B 255 6.98 7.99 -1.35
CA LEU B 255 8.33 8.17 -0.84
C LEU B 255 8.56 7.24 0.37
N SER B 256 9.82 6.98 0.68
CA SER B 256 10.17 6.01 1.73
C SER B 256 10.10 6.59 3.15
N LYS B 257 9.35 5.92 4.03
CA LYS B 257 9.26 6.31 5.45
C LYS B 257 10.21 5.49 6.31
N SER B 258 11.04 4.67 5.67
CA SER B 258 12.04 3.86 6.34
C SER B 258 12.99 4.77 7.12
N GLY B 259 13.17 4.47 8.41
CA GLY B 259 14.05 5.23 9.28
C GLY B 259 13.49 6.55 9.81
N LEU B 260 12.22 6.85 9.56
CA LEU B 260 11.61 8.03 10.14
C LEU B 260 11.22 7.75 11.58
N LYS B 261 11.52 8.69 12.47
CA LYS B 261 11.18 8.55 13.89
C LYS B 261 9.72 8.92 14.06
N GLY B 262 8.98 8.02 14.70
CA GLY B 262 7.55 8.22 14.93
C GLY B 262 7.25 7.98 16.39
N CYS B 263 5.98 8.05 16.76
CA CYS B 263 5.60 7.74 18.14
C CYS B 263 4.40 6.79 18.29
N VAL B 264 3.71 6.49 17.18
CA VAL B 264 2.73 5.40 17.15
C VAL B 264 3.17 4.46 16.02
N TYR B 265 3.18 3.16 16.28
CA TYR B 265 3.64 2.20 15.29
C TYR B 265 2.56 1.17 14.93
N GLY B 266 2.37 0.97 13.63
CA GLY B 266 1.43 -0.03 13.13
C GLY B 266 -0.01 0.42 12.93
N GLN B 267 -0.24 1.73 12.99
CA GLN B 267 -1.51 2.34 12.60
C GLN B 267 -1.41 2.58 11.11
N THR B 268 -2.18 1.82 10.33
CA THR B 268 -2.15 1.89 8.87
C THR B 268 -3.46 2.36 8.22
N ALA B 269 -4.51 2.60 9.01
CA ALA B 269 -5.78 3.15 8.49
C ALA B 269 -5.61 4.51 7.78
N VAL B 270 -4.97 5.44 8.48
CA VAL B 270 -4.56 6.73 7.93
C VAL B 270 -3.02 6.77 7.91
N GLN B 271 -2.44 6.66 6.72
CA GLN B 271 -0.99 6.58 6.59
C GLN B 271 -0.33 7.93 6.62
N LEU B 272 0.91 7.95 7.10
CA LEU B 272 1.77 9.12 7.09
C LEU B 272 2.40 9.28 5.72
N SER B 273 2.69 10.53 5.37
CA SER B 273 3.31 10.85 4.11
C SER B 273 4.40 11.85 4.36
N LEU B 274 5.48 11.75 3.60
CA LEU B 274 6.57 12.71 3.66
C LEU B 274 6.66 13.41 2.32
N GLY B 275 7.14 14.65 2.35
CA GLY B 275 7.21 15.45 1.14
C GLY B 275 7.99 16.74 1.28
N PRO B 276 8.25 17.41 0.15
CA PRO B 276 9.04 18.61 0.12
C PRO B 276 8.31 19.90 0.52
N MET B 277 9.10 20.84 1.04
CA MET B 277 8.67 22.23 1.28
C MET B 277 9.73 23.16 0.70
N ALA B 278 9.27 24.26 0.10
CA ALA B 278 10.18 25.16 -0.59
C ALA B 278 9.50 26.47 -0.99
N ARG B 279 10.28 27.39 -1.55
CA ARG B 279 9.78 28.74 -1.89
C ARG B 279 8.94 28.79 -3.16
N ASP B 280 9.03 27.77 -4.00
CA ASP B 280 8.27 27.70 -5.25
C ASP B 280 7.93 26.26 -5.64
N VAL B 281 7.04 26.12 -6.62
CA VAL B 281 6.54 24.80 -7.03
C VAL B 281 7.61 23.98 -7.73
N GLU B 282 8.44 24.65 -8.53
CA GLU B 282 9.49 23.99 -9.30
C GLU B 282 10.52 23.30 -8.40
N SER B 283 10.82 23.90 -7.25
CA SER B 283 11.63 23.28 -6.20
C SER B 283 11.03 21.97 -5.68
N LEU B 284 9.71 21.94 -5.51
CA LEU B 284 9.00 20.73 -5.11
C LEU B 284 9.17 19.63 -6.15
N ALA B 285 8.95 19.97 -7.42
CA ALA B 285 9.16 19.03 -8.55
C ALA B 285 10.61 18.50 -8.65
N LEU B 286 11.59 19.39 -8.50
CA LEU B 286 13.00 18.98 -8.51
C LEU B 286 13.29 18.01 -7.37
N CYS B 287 12.85 18.38 -6.17
CA CYS B 287 13.04 17.52 -5.02
C CYS B 287 12.39 16.14 -5.21
N LEU B 288 11.18 16.12 -5.76
CA LEU B 288 10.49 14.85 -6.04
C LEU B 288 11.23 14.05 -7.09
N LYS B 289 11.61 14.73 -8.17
CA LYS B 289 12.40 14.10 -9.24
C LYS B 289 13.70 13.47 -8.72
N ALA B 290 14.42 14.21 -7.88
CA ALA B 290 15.67 13.74 -7.29
C ALA B 290 15.47 12.55 -6.34
N LEU B 291 14.38 12.56 -5.59
CA LEU B 291 14.11 11.46 -4.64
C LEU B 291 13.62 10.18 -5.32
N LEU B 292 12.93 10.31 -6.44
CA LEU B 292 12.31 9.16 -7.10
C LEU B 292 13.31 8.53 -8.07
N CYS B 293 14.40 8.00 -7.52
CA CYS B 293 15.50 7.45 -8.32
C CYS B 293 15.78 6.02 -7.90
N GLU B 294 16.62 5.36 -8.64
CA GLU B 294 16.97 3.99 -8.34
C GLU B 294 17.49 3.79 -6.93
N HIS B 295 18.28 4.74 -6.46
CA HIS B 295 18.78 4.70 -5.09
C HIS B 295 17.64 4.46 -4.08
N LEU B 296 16.61 5.29 -4.15
CA LEU B 296 15.47 5.15 -3.23
C LEU B 296 14.77 3.80 -3.37
N PHE B 297 14.55 3.39 -4.61
CA PHE B 297 13.80 2.18 -4.91
C PHE B 297 14.53 0.90 -4.49
N THR B 298 15.86 0.93 -4.51
CA THR B 298 16.63 -0.21 -4.06
C THR B 298 16.82 -0.16 -2.54
N LEU B 299 17.00 1.02 -1.97
CA LEU B 299 17.12 1.15 -0.50
C LEU B 299 15.82 0.76 0.23
N ASP B 300 14.68 0.99 -0.41
CA ASP B 300 13.40 0.60 0.16
C ASP B 300 12.49 0.02 -0.93
N PRO B 301 12.62 -1.31 -1.17
CA PRO B 301 11.80 -2.09 -2.12
C PRO B 301 10.29 -2.05 -1.88
N THR B 302 9.84 -1.63 -0.71
CA THR B 302 8.39 -1.57 -0.41
C THR B 302 7.72 -0.37 -1.08
N VAL B 303 8.52 0.61 -1.50
CA VAL B 303 8.02 1.76 -2.26
C VAL B 303 7.94 1.42 -3.74
N PRO B 304 6.75 1.57 -4.36
CA PRO B 304 6.65 1.26 -5.78
C PRO B 304 7.58 2.15 -6.64
N PRO B 305 8.35 1.53 -7.56
CA PRO B 305 9.36 2.23 -8.34
C PRO B 305 8.75 3.09 -9.46
N LEU B 306 8.06 4.16 -9.07
CA LEU B 306 7.38 5.02 -10.01
C LEU B 306 8.28 6.22 -10.26
N PRO B 307 8.94 6.28 -11.42
CA PRO B 307 9.78 7.46 -11.70
C PRO B 307 8.95 8.74 -11.84
N PHE B 308 9.60 9.89 -11.69
CA PHE B 308 8.94 11.17 -11.88
C PHE B 308 8.60 11.37 -13.36
N ARG B 309 7.31 11.40 -13.69
CA ARG B 309 6.86 11.63 -15.07
C ARG B 309 6.92 13.12 -15.44
N GLU B 310 8.05 13.53 -15.98
CA GLU B 310 8.32 14.92 -16.39
C GLU B 310 7.28 15.46 -17.39
N GLU B 311 6.92 14.63 -18.37
CA GLU B 311 5.95 15.00 -19.40
C GLU B 311 4.57 15.39 -18.82
N VAL B 312 4.17 14.77 -17.72
CA VAL B 312 2.92 15.11 -17.05
C VAL B 312 3.09 16.42 -16.26
N TYR B 313 4.19 16.53 -15.53
CA TYR B 313 4.50 17.77 -14.80
C TYR B 313 4.56 18.96 -15.76
N ARG B 314 5.28 18.80 -16.87
CA ARG B 314 5.52 19.87 -17.83
C ARG B 314 4.35 20.16 -18.77
N SER B 315 3.31 19.39 -18.69
CA SER B 315 2.21 19.59 -19.59
C SER B 315 1.42 20.89 -19.38
N SER B 316 0.82 21.40 -20.43
CA SER B 316 0.14 22.71 -20.40
C SER B 316 -1.27 22.66 -21.00
N ARG B 317 -1.93 21.51 -20.88
CA ARG B 317 -3.29 21.36 -21.40
C ARG B 317 -4.31 21.99 -20.46
N PRO B 318 -5.45 22.44 -21.01
CA PRO B 318 -6.54 22.91 -20.17
C PRO B 318 -7.02 21.80 -19.24
N LEU B 319 -7.47 22.18 -18.04
CA LEU B 319 -7.81 21.25 -16.97
C LEU B 319 -9.27 21.42 -16.61
N ARG B 320 -9.92 20.31 -16.30
CA ARG B 320 -11.19 20.33 -15.60
C ARG B 320 -10.85 20.38 -14.11
N VAL B 321 -11.14 21.53 -13.49
CA VAL B 321 -10.75 21.80 -12.11
C VAL B 321 -12.00 21.82 -11.24
N GLY B 322 -12.14 20.80 -10.39
CA GLY B 322 -13.16 20.80 -9.35
C GLY B 322 -12.81 21.84 -8.30
N TYR B 323 -13.82 22.46 -7.69
CA TYR B 323 -13.56 23.47 -6.68
C TYR B 323 -14.70 23.61 -5.67
N TYR B 324 -14.33 23.95 -4.43
CA TYR B 324 -15.30 24.40 -3.43
C TYR B 324 -14.74 25.56 -2.62
N GLU B 325 -15.63 26.43 -2.16
CA GLU B 325 -15.27 27.61 -1.38
C GLU B 325 -15.32 27.34 0.10
N THR B 326 -16.00 26.26 0.47
CA THR B 326 -16.14 25.83 1.87
C THR B 326 -16.44 24.33 1.90
N ASP B 327 -15.99 23.67 2.96
CA ASP B 327 -16.26 22.24 3.14
C ASP B 327 -17.51 22.00 3.99
N ASN B 328 -18.16 23.10 4.37
CA ASN B 328 -19.33 23.07 5.25
C ASN B 328 -19.03 22.44 6.63
N TYR B 329 -17.77 22.49 7.03
CA TYR B 329 -17.34 21.97 8.30
C TYR B 329 -16.61 23.07 9.05
N THR B 330 -15.52 23.57 8.44
CA THR B 330 -14.83 24.74 8.92
C THR B 330 -15.18 25.90 7.99
N MET B 331 -15.93 26.86 8.50
CA MET B 331 -16.18 28.09 7.79
C MET B 331 -14.85 28.75 7.39
N PRO B 332 -14.67 29.06 6.09
CA PRO B 332 -13.41 29.70 5.73
C PRO B 332 -13.33 31.10 6.30
N SER B 333 -12.13 31.53 6.65
CA SER B 333 -11.91 32.93 6.93
C SER B 333 -12.24 33.69 5.64
N PRO B 334 -12.64 34.98 5.76
CA PRO B 334 -12.82 35.83 4.59
C PRO B 334 -11.65 35.81 3.59
N ALA B 335 -10.43 35.93 4.11
CA ALA B 335 -9.21 35.81 3.31
C ALA B 335 -9.16 34.47 2.57
N MET B 336 -9.50 33.38 3.25
CA MET B 336 -9.51 32.05 2.64
C MET B 336 -10.46 31.98 1.44
N ARG B 337 -11.67 32.50 1.62
CA ARG B 337 -12.69 32.42 0.59
C ARG B 337 -12.34 33.29 -0.63
N ARG B 338 -11.83 34.49 -0.38
CA ARG B 338 -11.39 35.38 -1.45
C ARG B 338 -10.27 34.76 -2.28
N ALA B 339 -9.26 34.21 -1.59
CA ALA B 339 -8.12 33.52 -2.22
C ALA B 339 -8.59 32.39 -3.13
N LEU B 340 -9.52 31.58 -2.62
CA LEU B 340 -10.11 30.50 -3.39
C LEU B 340 -10.85 31.05 -4.62
N ILE B 341 -11.77 31.97 -4.39
CA ILE B 341 -12.56 32.58 -5.47
C ILE B 341 -11.67 33.26 -6.53
N GLU B 342 -10.67 34.02 -6.08
CA GLU B 342 -9.79 34.73 -7.01
C GLU B 342 -8.95 33.79 -7.87
N THR B 343 -8.53 32.67 -7.30
CA THR B 343 -7.81 31.63 -8.01
C THR B 343 -8.72 30.95 -9.03
N LYS B 344 -9.91 30.55 -8.60
CA LYS B 344 -10.92 30.00 -9.50
C LYS B 344 -11.10 30.90 -10.72
N GLN B 345 -11.34 32.19 -10.47
CA GLN B 345 -11.57 33.16 -11.53
C GLN B 345 -10.40 33.27 -12.51
N ARG B 346 -9.18 33.41 -11.99
CA ARG B 346 -8.00 33.46 -12.85
C ARG B 346 -7.72 32.16 -13.60
N LEU B 347 -8.09 31.01 -13.02
CA LEU B 347 -7.98 29.74 -13.75
C LEU B 347 -8.93 29.74 -14.95
N GLU B 348 -10.15 30.20 -14.73
CA GLU B 348 -11.16 30.32 -15.81
C GLU B 348 -10.74 31.27 -16.92
N ALA B 349 -10.16 32.40 -16.54
CA ALA B 349 -9.61 33.34 -17.52
C ALA B 349 -8.47 32.71 -18.32
N ALA B 350 -7.77 31.73 -17.74
CA ALA B 350 -6.65 31.08 -18.43
C ALA B 350 -7.06 29.83 -19.24
N GLY B 351 -8.36 29.56 -19.31
CA GLY B 351 -8.90 28.54 -20.24
C GLY B 351 -9.36 27.26 -19.57
N HIS B 352 -9.22 27.19 -18.25
CA HIS B 352 -9.60 26.00 -17.50
C HIS B 352 -11.08 25.98 -17.17
N THR B 353 -11.64 24.78 -17.05
CA THR B 353 -13.05 24.63 -16.73
C THR B 353 -13.19 24.38 -15.25
N LEU B 354 -13.89 25.27 -14.57
CA LEU B 354 -14.03 25.24 -13.12
C LEU B 354 -15.39 24.65 -12.77
N ILE B 355 -15.36 23.52 -12.04
CA ILE B 355 -16.55 22.72 -11.82
C ILE B 355 -16.85 22.61 -10.32
N PRO B 356 -18.02 23.10 -9.86
CA PRO B 356 -18.32 22.94 -8.44
C PRO B 356 -18.31 21.46 -8.00
N PHE B 357 -17.59 21.18 -6.93
CA PHE B 357 -17.40 19.81 -6.47
C PHE B 357 -17.03 19.80 -4.99
N LEU B 358 -17.74 19.01 -4.21
CA LEU B 358 -17.40 18.77 -2.80
C LEU B 358 -17.48 17.28 -2.53
N PRO B 359 -16.38 16.66 -2.05
CA PRO B 359 -16.46 15.27 -1.67
C PRO B 359 -17.62 14.99 -0.72
N ASN B 360 -18.30 13.87 -0.95
CA ASN B 360 -19.45 13.52 -0.16
C ASN B 360 -19.05 13.14 1.26
N ASN B 361 -19.96 13.36 2.20
CA ASN B 361 -19.83 12.85 3.56
C ASN B 361 -18.51 13.22 4.28
N ILE B 362 -18.14 14.48 4.20
CA ILE B 362 -16.98 14.99 4.93
C ILE B 362 -17.10 14.84 6.47
N PRO B 363 -18.29 15.07 7.06
CA PRO B 363 -18.35 14.84 8.50
C PRO B 363 -17.97 13.39 8.91
N TYR B 364 -18.46 12.41 8.17
CA TYR B 364 -18.09 10.99 8.32
C TYR B 364 -16.58 10.77 8.21
N ALA B 365 -16.00 11.27 7.13
CA ALA B 365 -14.56 11.11 6.86
C ALA B 365 -13.70 11.67 7.98
N LEU B 366 -14.13 12.79 8.56
CA LEU B 366 -13.36 13.44 9.63
C LEU B 366 -13.63 12.80 10.97
N GLU B 367 -14.91 12.69 11.33
CA GLU B 367 -15.31 12.27 12.66
C GLU B 367 -15.23 10.76 12.89
N VAL B 368 -15.56 9.97 11.87
CA VAL B 368 -15.55 8.52 12.03
C VAL B 368 -14.26 7.88 11.53
N LEU B 369 -13.89 8.17 10.28
CA LEU B 369 -12.82 7.45 9.63
C LEU B 369 -11.46 7.97 10.10
N SER B 370 -11.29 9.29 10.10
CA SER B 370 -10.01 9.88 10.44
C SER B 370 -9.72 9.77 11.93
N THR B 371 -10.66 10.24 12.75
CA THR B 371 -10.54 10.20 14.21
C THR B 371 -10.40 8.76 14.70
N GLY B 372 -11.21 7.86 14.15
CA GLY B 372 -11.18 6.44 14.49
C GLY B 372 -9.94 5.69 14.02
N GLY B 373 -9.50 5.99 12.80
CA GLY B 373 -8.24 5.45 12.29
C GLY B 373 -7.03 5.86 13.12
N LEU B 374 -6.91 7.14 13.40
CA LEU B 374 -5.80 7.65 14.19
C LEU B 374 -5.83 7.24 15.66
N PHE B 375 -7.03 7.02 16.21
CA PHE B 375 -7.16 6.67 17.64
C PHE B 375 -7.96 5.39 17.88
N SER B 376 -7.76 4.39 17.03
CA SER B 376 -8.50 3.12 17.13
C SER B 376 -8.36 2.45 18.50
N ASP B 377 -7.22 2.67 19.15
CA ASP B 377 -6.90 2.06 20.44
C ASP B 377 -7.23 2.97 21.63
N GLY B 378 -8.03 4.01 21.38
CA GLY B 378 -8.37 4.97 22.42
C GLY B 378 -7.33 6.02 22.75
N GLY B 379 -6.20 5.99 22.04
CA GLY B 379 -5.06 6.88 22.28
C GLY B 379 -3.97 6.27 23.15
N ARG B 380 -4.12 5.02 23.54
CA ARG B 380 -3.21 4.37 24.47
C ARG B 380 -1.76 4.31 23.99
N SER B 381 -1.53 3.81 22.78
CA SER B 381 -0.19 3.71 22.24
C SER B 381 0.48 5.09 22.22
N PHE B 382 -0.23 6.07 21.68
CA PHE B 382 0.21 7.47 21.64
C PHE B 382 0.56 8.02 23.00
N LEU B 383 -0.30 7.74 23.98
CA LEU B 383 -0.13 8.22 25.36
C LEU B 383 1.10 7.63 26.10
N GLN B 384 1.60 6.48 25.66
CA GLN B 384 2.82 5.91 26.24
C GLN B 384 3.97 6.89 26.14
N ASN B 385 3.96 7.69 25.08
CA ASN B 385 5.01 8.69 24.85
C ASN B 385 5.10 9.78 25.93
N PHE B 386 3.97 10.07 26.56
CA PHE B 386 3.88 11.19 27.48
C PHE B 386 4.08 10.80 28.94
N LYS B 387 4.26 9.51 29.21
CA LYS B 387 4.39 9.03 30.58
C LYS B 387 5.64 9.59 31.26
N GLY B 388 5.44 10.34 32.34
CA GLY B 388 6.54 10.99 33.06
C GLY B 388 7.03 12.28 32.41
N ASP B 389 6.33 12.73 31.37
CA ASP B 389 6.71 13.92 30.63
C ASP B 389 5.77 15.07 30.91
N PHE B 390 6.25 16.28 30.64
CA PHE B 390 5.41 17.47 30.60
C PHE B 390 4.52 17.39 29.36
N VAL B 391 3.38 18.06 29.41
CA VAL B 391 2.53 18.17 28.26
C VAL B 391 2.60 19.64 27.83
N ASP B 392 3.14 19.87 26.63
CA ASP B 392 3.30 21.23 26.13
C ASP B 392 1.93 21.91 26.07
N PRO B 393 1.82 23.18 26.52
CA PRO B 393 0.54 23.89 26.43
C PRO B 393 -0.06 23.93 25.03
N CYS B 394 0.78 23.89 24.00
CA CYS B 394 0.34 23.95 22.59
C CYS B 394 -0.50 22.74 22.13
N LEU B 395 -0.49 21.67 22.93
CA LEU B 395 -1.30 20.48 22.63
C LEU B 395 -2.74 20.59 23.16
N GLY B 396 -3.05 21.68 23.86
CA GLY B 396 -4.40 21.88 24.40
C GLY B 396 -4.80 20.83 25.42
N ASP B 397 -6.04 20.33 25.34
CA ASP B 397 -6.49 19.27 26.26
C ASP B 397 -6.48 17.87 25.65
N LEU B 398 -5.75 17.68 24.54
CA LEU B 398 -5.78 16.42 23.78
C LEU B 398 -5.38 15.23 24.65
N ILE B 399 -4.32 15.42 25.43
CA ILE B 399 -3.78 14.35 26.28
C ILE B 399 -4.76 14.04 27.42
N LEU B 400 -5.29 15.08 28.06
CA LEU B 400 -6.32 14.95 29.09
C LEU B 400 -7.54 14.21 28.56
N ILE B 401 -7.95 14.54 27.35
CA ILE B 401 -9.15 13.95 26.74
C ILE B 401 -8.91 12.49 26.34
N LEU B 402 -7.80 12.22 25.65
CA LEU B 402 -7.43 10.85 25.30
C LEU B 402 -7.32 9.93 26.52
N ARG B 403 -6.85 10.47 27.65
CA ARG B 403 -6.72 9.72 28.90
C ARG B 403 -8.04 9.31 29.56
N LEU B 404 -9.14 9.96 29.22
CA LEU B 404 -10.42 9.64 29.84
C LEU B 404 -10.81 8.18 29.58
N PRO B 405 -11.43 7.51 30.56
CA PRO B 405 -11.91 6.15 30.32
C PRO B 405 -12.92 6.08 29.18
N SER B 406 -12.89 4.96 28.45
CA SER B 406 -13.78 4.76 27.32
C SER B 406 -15.22 5.06 27.68
N TRP B 407 -15.65 4.60 28.86
CA TRP B 407 -17.04 4.80 29.28
C TRP B 407 -17.37 6.27 29.47
N PHE B 408 -16.39 7.04 29.94
CA PHE B 408 -16.61 8.46 30.21
C PHE B 408 -16.59 9.26 28.90
N LYS B 409 -15.77 8.84 27.95
CA LYS B 409 -15.81 9.42 26.59
C LYS B 409 -17.22 9.24 25.98
N ARG B 410 -17.81 8.08 26.24
CA ARG B 410 -19.15 7.72 25.76
C ARG B 410 -20.25 8.52 26.45
N LEU B 411 -20.20 8.55 27.78
CA LEU B 411 -21.18 9.29 28.55
C LEU B 411 -21.14 10.76 28.18
N LEU B 412 -19.94 11.33 28.22
CA LEU B 412 -19.76 12.74 27.91
C LEU B 412 -20.22 13.05 26.48
N SER B 413 -19.92 12.14 25.56
CA SER B 413 -20.38 12.24 24.16
C SER B 413 -21.91 12.29 24.03
N LEU B 414 -22.60 11.43 24.78
CA LEU B 414 -24.08 11.43 24.77
C LEU B 414 -24.67 12.70 25.37
N LEU B 415 -24.03 13.22 26.42
CA LEU B 415 -24.45 14.47 27.05
C LEU B 415 -24.24 15.69 26.15
N LEU B 416 -23.15 15.70 25.40
CA LEU B 416 -22.82 16.82 24.52
C LEU B 416 -23.56 16.78 23.18
N LYS B 417 -24.04 15.60 22.77
CA LYS B 417 -24.58 15.42 21.42
C LYS B 417 -25.69 16.40 21.02
N PRO B 418 -26.66 16.66 21.92
CA PRO B 418 -27.74 17.60 21.61
C PRO B 418 -27.30 19.05 21.35
N LEU B 419 -26.23 19.51 22.00
CA LEU B 419 -25.75 20.90 21.84
C LEU B 419 -24.58 20.99 20.88
N PHE B 420 -23.57 20.17 21.12
CA PHE B 420 -22.29 20.22 20.40
C PHE B 420 -21.96 18.86 19.78
N PRO B 421 -22.69 18.49 18.71
CA PRO B 421 -22.54 17.18 18.04
C PRO B 421 -21.17 16.92 17.43
N ARG B 422 -20.48 17.99 17.01
CA ARG B 422 -19.12 17.86 16.49
C ARG B 422 -18.18 17.38 17.61
N LEU B 423 -18.27 18.03 18.77
CA LEU B 423 -17.51 17.61 19.95
C LEU B 423 -17.89 16.18 20.41
N ALA B 424 -19.20 15.90 20.43
CA ALA B 424 -19.71 14.60 20.80
C ALA B 424 -19.14 13.49 19.91
N ALA B 425 -19.16 13.72 18.59
CA ALA B 425 -18.67 12.75 17.61
C ALA B 425 -17.16 12.51 17.71
N PHE B 426 -16.40 13.56 17.99
CA PHE B 426 -14.96 13.46 18.24
C PHE B 426 -14.70 12.51 19.41
N LEU B 427 -15.30 12.80 20.55
CA LEU B 427 -15.18 11.98 21.77
C LEU B 427 -15.56 10.51 21.57
N ASN B 428 -16.68 10.27 20.89
CA ASN B 428 -17.16 8.92 20.68
C ASN B 428 -16.25 8.07 19.80
N ASN B 429 -15.52 8.73 18.89
CA ASN B 429 -14.71 8.06 17.89
C ASN B 429 -13.23 7.94 18.22
N MET B 430 -12.84 8.36 19.42
CA MET B 430 -11.47 8.22 19.91
C MET B 430 -11.43 7.21 21.05
N ARG B 431 -12.40 6.31 21.07
CA ARG B 431 -12.48 5.27 22.08
C ARG B 431 -11.81 3.99 21.58
N PRO B 432 -11.33 3.15 22.50
CA PRO B 432 -10.71 1.88 22.10
C PRO B 432 -11.71 0.92 21.48
N ARG B 433 -11.24 -0.01 20.66
CA ARG B 433 -12.11 -0.99 20.06
C ARG B 433 -11.36 -2.28 19.76
N SER B 434 -12.12 -3.31 19.43
CA SER B 434 -11.59 -4.61 19.03
C SER B 434 -10.93 -4.56 17.66
N ALA B 435 -10.10 -5.57 17.38
CA ALA B 435 -9.49 -5.76 16.05
C ALA B 435 -10.56 -5.98 15.00
N GLU B 436 -11.63 -6.67 15.39
CA GLU B 436 -12.80 -6.86 14.53
C GLU B 436 -13.42 -5.53 14.04
N LYS B 437 -13.54 -4.58 14.97
CA LYS B 437 -14.06 -3.25 14.64
C LYS B 437 -13.05 -2.44 13.82
N LEU B 438 -11.76 -2.65 14.05
CA LEU B 438 -10.73 -2.01 13.24
C LEU B 438 -10.75 -2.49 11.78
N TRP B 439 -10.95 -3.78 11.56
CA TRP B 439 -11.16 -4.31 10.21
C TRP B 439 -12.35 -3.64 9.52
N LYS B 440 -13.46 -3.56 10.24
CA LYS B 440 -14.66 -2.92 9.72
C LYS B 440 -14.36 -1.46 9.33
N LEU B 441 -13.67 -0.73 10.21
CA LEU B 441 -13.27 0.66 9.93
C LEU B 441 -12.33 0.78 8.72
N GLN B 442 -11.39 -0.11 8.64
N GLN B 442 -11.35 -0.10 8.65
CA GLN B 442 -10.42 -0.19 7.56
CA GLN B 442 -10.42 -0.13 7.53
C GLN B 442 -11.13 -0.40 6.21
C GLN B 442 -11.17 -0.35 6.20
N HIS B 443 -12.15 -1.24 6.19
CA HIS B 443 -12.95 -1.47 4.99
C HIS B 443 -13.79 -0.24 4.63
N GLU B 444 -14.29 0.45 5.64
CA GLU B 444 -15.04 1.67 5.41
C GLU B 444 -14.17 2.78 4.83
N ILE B 445 -12.93 2.91 5.30
CA ILE B 445 -11.94 3.85 4.72
C ILE B 445 -11.73 3.54 3.22
N GLU B 446 -11.55 2.25 2.95
CA GLU B 446 -11.35 1.72 1.61
C GLU B 446 -12.55 2.03 0.69
N MET B 447 -13.75 1.72 1.15
CA MET B 447 -14.98 2.02 0.39
C MET B 447 -15.20 3.53 0.21
N TYR B 448 -14.86 4.33 1.22
CA TYR B 448 -15.00 5.79 1.13
C TYR B 448 -14.04 6.38 0.06
N ARG B 449 -12.82 5.86 0.01
CA ARG B 449 -11.86 6.25 -1.01
C ARG B 449 -12.41 5.98 -2.41
N GLN B 450 -13.00 4.81 -2.60
CA GLN B 450 -13.59 4.45 -3.90
C GLN B 450 -14.84 5.28 -4.23
N SER B 451 -15.62 5.64 -3.21
CA SER B 451 -16.79 6.48 -3.37
C SER B 451 -16.44 7.87 -3.91
N VAL B 452 -15.42 8.50 -3.34
CA VAL B 452 -14.98 9.84 -3.77
C VAL B 452 -14.31 9.77 -5.14
N ILE B 453 -13.57 8.69 -5.40
CA ILE B 453 -12.99 8.46 -6.71
C ILE B 453 -14.10 8.36 -7.78
N ALA B 454 -15.16 7.61 -7.47
CA ALA B 454 -16.31 7.49 -8.36
C ALA B 454 -17.01 8.84 -8.63
N GLN B 455 -17.16 9.65 -7.57
CA GLN B 455 -17.75 10.99 -7.67
C GLN B 455 -16.94 11.90 -8.59
N TRP B 456 -15.63 11.86 -8.39
CA TRP B 456 -14.64 12.58 -9.17
C TRP B 456 -14.69 12.18 -10.64
N LYS B 457 -14.73 10.87 -10.87
CA LYS B 457 -14.86 10.35 -12.22
C LYS B 457 -16.20 10.73 -12.87
N ALA B 458 -17.27 10.79 -12.09
CA ALA B 458 -18.60 11.12 -12.63
C ALA B 458 -18.64 12.55 -13.18
N MET B 459 -17.76 13.41 -12.67
CA MET B 459 -17.66 14.78 -13.16
C MET B 459 -16.46 14.97 -14.10
N ASN B 460 -15.71 13.90 -14.30
CA ASN B 460 -14.54 13.90 -15.19
C ASN B 460 -13.52 14.99 -14.85
N LEU B 461 -13.17 15.07 -13.56
CA LEU B 461 -12.20 16.04 -13.09
C LEU B 461 -10.77 15.59 -13.41
N ASP B 462 -9.89 16.56 -13.61
CA ASP B 462 -8.46 16.30 -13.63
C ASP B 462 -7.91 16.57 -12.26
N VAL B 463 -8.32 17.69 -11.66
CA VAL B 463 -7.78 18.11 -10.37
C VAL B 463 -8.87 18.74 -9.51
N LEU B 464 -8.53 19.05 -8.27
CA LEU B 464 -9.46 19.69 -7.34
C LEU B 464 -8.78 20.83 -6.57
N LEU B 465 -9.47 21.98 -6.53
CA LEU B 465 -9.00 23.21 -5.89
C LEU B 465 -9.86 23.47 -4.64
N THR B 466 -9.21 23.56 -3.49
CA THR B 466 -9.94 23.74 -2.23
C THR B 466 -9.37 24.91 -1.43
N PRO B 467 -10.14 25.38 -0.44
CA PRO B 467 -9.54 26.34 0.48
C PRO B 467 -8.47 25.68 1.34
N MET B 468 -7.56 26.50 1.87
CA MET B 468 -6.57 26.03 2.83
C MET B 468 -6.61 26.91 4.08
N LEU B 469 -6.46 26.28 5.25
CA LEU B 469 -6.54 26.98 6.51
C LEU B 469 -5.56 28.15 6.58
N GLY B 470 -6.07 29.30 6.93
CA GLY B 470 -5.30 30.51 7.09
C GLY B 470 -6.16 31.75 7.23
N PRO B 471 -5.55 32.87 7.64
CA PRO B 471 -4.10 32.95 7.83
C PRO B 471 -3.65 32.34 9.15
N ALA B 472 -2.38 32.49 9.50
CA ALA B 472 -1.83 31.83 10.69
C ALA B 472 -2.56 32.20 11.98
N LEU B 473 -2.82 31.17 12.79
CA LEU B 473 -3.45 31.31 14.10
C LEU B 473 -2.44 31.74 15.16
N ASP B 474 -2.91 32.35 16.24
CA ASP B 474 -2.04 32.73 17.36
C ASP B 474 -1.37 31.48 17.92
N LEU B 475 -0.18 31.70 18.48
CA LEU B 475 0.52 30.67 19.22
C LEU B 475 -0.43 30.05 20.23
N ASN B 476 -0.34 28.72 20.36
CA ASN B 476 -1.04 27.96 21.39
C ASN B 476 -2.57 27.86 21.20
N THR B 477 -3.05 28.20 20.01
CA THR B 477 -4.46 28.03 19.64
C THR B 477 -4.78 26.93 18.65
N PRO B 478 -3.81 26.54 17.77
CA PRO B 478 -4.12 25.35 16.96
C PRO B 478 -4.58 24.13 17.76
N GLY B 479 -3.99 23.92 18.93
CA GLY B 479 -4.38 22.83 19.85
C GLY B 479 -5.79 22.91 20.42
N ARG B 480 -6.44 24.08 20.27
CA ARG B 480 -7.81 24.30 20.73
CA ARG B 480 -7.82 24.25 20.72
C ARG B 480 -8.78 24.50 19.56
N ALA B 481 -8.30 24.41 18.33
CA ALA B 481 -9.15 24.56 17.14
C ALA B 481 -8.99 23.32 16.26
N THR B 482 -9.42 22.18 16.80
CA THR B 482 -9.22 20.88 16.13
C THR B 482 -10.05 20.71 14.87
N GLY B 483 -11.25 21.28 14.85
CA GLY B 483 -12.13 21.18 13.69
C GLY B 483 -11.52 21.76 12.42
N ALA B 484 -10.62 22.73 12.59
CA ALA B 484 -9.95 23.44 11.47
C ALA B 484 -8.96 22.58 10.67
N VAL B 485 -8.68 21.35 11.11
CA VAL B 485 -7.94 20.41 10.27
C VAL B 485 -8.79 19.75 9.16
N SER B 486 -10.06 20.16 9.04
CA SER B 486 -10.97 19.55 8.07
C SER B 486 -10.48 19.63 6.62
N TYR B 487 -9.95 20.79 6.21
CA TYR B 487 -9.53 21.00 4.81
C TYR B 487 -8.36 20.12 4.39
N THR B 488 -7.45 19.87 5.33
CA THR B 488 -6.27 19.06 5.09
C THR B 488 -6.52 17.58 5.35
N MET B 489 -7.13 17.27 6.49
CA MET B 489 -7.25 15.88 6.97
C MET B 489 -8.04 14.99 6.00
N LEU B 490 -8.98 15.59 5.28
CA LEU B 490 -9.76 14.87 4.28
C LEU B 490 -8.84 14.08 3.32
N TYR B 491 -7.74 14.69 2.91
CA TYR B 491 -6.90 14.11 1.85
C TYR B 491 -5.85 13.17 2.40
N ASN B 492 -5.64 13.21 3.73
CA ASN B 492 -4.98 12.12 4.44
C ASN B 492 -5.90 10.91 4.55
N CYS B 493 -7.15 11.13 4.95
CA CYS B 493 -8.13 10.04 5.00
C CYS B 493 -8.22 9.35 3.65
N LEU B 494 -8.39 10.15 2.60
CA LEU B 494 -8.52 9.67 1.23
C LEU B 494 -7.20 9.22 0.60
N ASP B 495 -6.08 9.66 1.19
CA ASP B 495 -4.75 9.42 0.66
C ASP B 495 -4.62 9.85 -0.81
N PHE B 496 -4.93 11.12 -1.05
CA PHE B 496 -4.75 11.77 -2.34
C PHE B 496 -3.53 12.68 -2.19
N PRO B 497 -2.74 12.85 -3.25
CA PRO B 497 -1.72 13.90 -3.17
C PRO B 497 -2.37 15.27 -3.03
N ALA B 498 -1.87 16.07 -2.09
CA ALA B 498 -2.37 17.43 -1.82
C ALA B 498 -1.20 18.36 -1.55
N GLY B 499 -1.19 19.53 -2.17
CA GLY B 499 -0.16 20.52 -1.90
C GLY B 499 -0.75 21.91 -1.76
N VAL B 500 0.05 22.87 -1.31
CA VAL B 500 -0.45 24.22 -1.10
C VAL B 500 0.47 25.25 -1.74
N VAL B 501 -0.15 26.32 -2.24
CA VAL B 501 0.54 27.42 -2.93
C VAL B 501 0.05 28.74 -2.33
N PRO B 502 0.97 29.65 -1.96
CA PRO B 502 0.49 30.94 -1.48
C PRO B 502 -0.04 31.79 -2.64
N VAL B 503 -1.22 32.39 -2.47
CA VAL B 503 -1.87 33.15 -3.56
C VAL B 503 -2.14 34.63 -3.23
N THR B 504 -2.16 34.98 -1.95
CA THR B 504 -2.49 36.35 -1.55
C THR B 504 -2.07 36.61 -0.10
N THR B 505 -2.34 37.82 0.37
CA THR B 505 -2.12 38.19 1.76
C THR B 505 -3.39 38.82 2.35
N VAL B 506 -3.56 38.75 3.66
CA VAL B 506 -4.76 39.32 4.31
C VAL B 506 -4.79 40.84 4.20
N THR B 507 -5.92 41.37 3.71
CA THR B 507 -6.11 42.81 3.60
C THR B 507 -6.83 43.33 4.85
N ALA B 508 -6.83 44.66 5.02
CA ALA B 508 -7.59 45.30 6.08
C ALA B 508 -9.05 44.86 6.09
N GLU B 509 -9.62 44.71 4.90
CA GLU B 509 -11.03 44.35 4.71
C GLU B 509 -11.27 42.90 5.14
N ASP B 510 -10.39 41.98 4.70
CA ASP B 510 -10.40 40.57 5.14
C ASP B 510 -10.43 40.46 6.67
N ASP B 511 -9.57 41.24 7.30
CA ASP B 511 -9.36 41.22 8.73
C ASP B 511 -10.56 41.78 9.49
N ALA B 512 -11.13 42.86 8.99
CA ALA B 512 -12.35 43.45 9.56
C ALA B 512 -13.54 42.51 9.42
N GLN B 513 -13.67 41.87 8.27
CA GLN B 513 -14.75 40.90 8.04
C GLN B 513 -14.68 39.69 8.98
N MET B 514 -13.46 39.31 9.39
CA MET B 514 -13.27 38.24 10.37
C MET B 514 -13.99 38.52 11.71
N GLU B 515 -14.20 39.79 12.03
CA GLU B 515 -14.95 40.18 13.24
C GLU B 515 -16.36 39.61 13.27
N LEU B 516 -16.88 39.25 12.10
CA LEU B 516 -18.25 38.77 11.95
C LEU B 516 -18.29 37.25 11.73
N TYR B 517 -17.15 36.59 11.86
CA TYR B 517 -17.06 35.15 11.66
C TYR B 517 -17.82 34.37 12.74
N LYS B 518 -18.72 33.48 12.33
CA LYS B 518 -19.52 32.66 13.29
C LYS B 518 -19.16 31.15 13.32
N GLY B 519 -18.92 30.59 12.15
CA GLY B 519 -18.72 29.15 12.04
C GLY B 519 -20.05 28.40 11.96
N TYR B 520 -20.02 27.16 11.49
CA TYR B 520 -21.26 26.40 11.27
C TYR B 520 -21.80 25.75 12.53
N PHE B 521 -20.97 25.66 13.58
CA PHE B 521 -21.34 24.92 14.79
C PHE B 521 -21.47 25.77 16.04
N GLY B 522 -20.66 26.84 16.15
CA GLY B 522 -20.73 27.70 17.32
C GLY B 522 -20.26 27.02 18.61
N ASP B 523 -19.43 25.98 18.46
CA ASP B 523 -18.84 25.27 19.59
C ASP B 523 -17.45 25.85 19.86
N ILE B 524 -16.78 25.39 20.92
CA ILE B 524 -15.48 25.99 21.31
C ILE B 524 -14.45 26.10 20.18
N TRP B 525 -14.43 25.16 19.23
CA TRP B 525 -13.46 25.22 18.11
C TRP B 525 -13.71 26.39 17.14
N ASP B 526 -14.97 26.65 16.84
CA ASP B 526 -15.35 27.83 16.04
C ASP B 526 -15.02 29.14 16.78
N ILE B 527 -15.41 29.21 18.05
CA ILE B 527 -15.21 30.39 18.88
C ILE B 527 -13.73 30.80 18.97
N ILE B 528 -12.86 29.83 19.20
CA ILE B 528 -11.42 30.07 19.29
C ILE B 528 -10.79 30.58 17.98
N LEU B 529 -11.19 29.97 16.86
CA LEU B 529 -10.61 30.28 15.55
C LEU B 529 -10.76 31.77 15.21
N LYS B 530 -11.94 32.31 15.50
CA LYS B 530 -12.18 33.73 15.28
C LYS B 530 -11.17 34.60 16.01
N LYS B 531 -10.92 34.31 17.29
CA LYS B 531 -9.97 35.07 18.08
C LYS B 531 -8.54 34.80 17.63
N ALA B 532 -8.25 33.53 17.36
CA ALA B 532 -6.91 33.08 16.95
C ALA B 532 -6.43 33.70 15.63
N MET B 533 -7.36 34.09 14.75
CA MET B 533 -7.02 34.73 13.47
C MET B 533 -7.07 36.26 13.49
N LYS B 534 -7.32 36.86 14.65
CA LYS B 534 -7.38 38.32 14.80
C LYS B 534 -5.99 38.89 14.49
N ASN B 535 -5.94 40.15 14.06
CA ASN B 535 -4.68 40.88 13.84
C ASN B 535 -3.78 40.16 12.84
N SER B 536 -4.30 39.94 11.64
CA SER B 536 -3.61 39.12 10.64
C SER B 536 -3.28 39.87 9.34
N VAL B 537 -3.48 41.18 9.28
CA VAL B 537 -3.20 41.95 8.04
C VAL B 537 -1.75 41.73 7.58
N GLY B 538 -1.58 41.47 6.29
CA GLY B 538 -0.27 41.21 5.70
C GLY B 538 0.19 39.76 5.69
N LEU B 539 -0.55 38.87 6.34
CA LEU B 539 -0.12 37.47 6.46
C LEU B 539 -0.53 36.68 5.22
N PRO B 540 0.33 35.73 4.80
CA PRO B 540 0.06 34.94 3.59
C PRO B 540 -1.09 33.97 3.76
N VAL B 541 -1.83 33.78 2.65
CA VAL B 541 -2.96 32.87 2.57
C VAL B 541 -2.84 32.01 1.31
N ALA B 542 -3.07 30.70 1.46
CA ALA B 542 -2.87 29.72 0.39
C ALA B 542 -4.19 29.14 -0.16
N VAL B 543 -4.06 28.37 -1.23
CA VAL B 543 -5.10 27.43 -1.67
C VAL B 543 -4.47 26.05 -1.75
N GLN B 544 -5.31 25.02 -1.71
CA GLN B 544 -4.88 23.64 -1.76
C GLN B 544 -5.20 23.04 -3.11
N CYS B 545 -4.25 22.29 -3.66
CA CYS B 545 -4.40 21.62 -4.96
C CYS B 545 -4.34 20.13 -4.74
N VAL B 546 -5.29 19.42 -5.33
CA VAL B 546 -5.45 17.98 -5.10
C VAL B 546 -5.54 17.25 -6.45
N ALA B 547 -5.01 16.02 -6.47
CA ALA B 547 -5.16 15.10 -7.59
C ALA B 547 -5.41 13.69 -7.03
N LEU B 548 -5.63 12.73 -7.92
CA LEU B 548 -5.91 11.36 -7.51
C LEU B 548 -4.65 10.66 -7.00
N PRO B 549 -4.81 9.52 -6.30
CA PRO B 549 -3.63 8.80 -5.82
C PRO B 549 -2.60 8.57 -6.94
N TRP B 550 -1.32 8.72 -6.58
CA TRP B 550 -0.17 8.57 -7.49
C TRP B 550 -0.03 9.64 -8.57
N GLN B 551 -0.86 10.69 -8.55
CA GLN B 551 -0.75 11.74 -9.56
CA GLN B 551 -0.82 11.77 -9.54
C GLN B 551 -0.06 13.00 -9.00
N GLU B 552 1.09 12.77 -8.38
CA GLU B 552 1.89 13.86 -7.82
C GLU B 552 2.28 14.85 -8.91
N GLU B 553 2.63 14.32 -10.09
CA GLU B 553 3.12 15.16 -11.19
C GLU B 553 2.06 16.11 -11.74
N LEU B 554 0.82 15.62 -11.88
CA LEU B 554 -0.32 16.42 -12.30
C LEU B 554 -0.71 17.43 -11.20
N CYS B 555 -0.74 16.96 -9.96
CA CYS B 555 -0.97 17.86 -8.82
C CYS B 555 0.05 19.02 -8.81
N LEU B 556 1.34 18.71 -8.99
CA LEU B 556 2.38 19.73 -9.11
C LEU B 556 2.22 20.61 -10.37
N ARG B 557 1.81 20.01 -11.49
CA ARG B 557 1.51 20.78 -12.72
C ARG B 557 0.43 21.83 -12.46
N PHE B 558 -0.57 21.45 -11.67
CA PHE B 558 -1.69 22.32 -11.31
C PHE B 558 -1.23 23.41 -10.35
N MET B 559 -0.51 23.02 -9.29
CA MET B 559 0.11 24.00 -8.37
C MET B 559 0.96 25.04 -9.11
N ARG B 560 1.70 24.60 -10.12
CA ARG B 560 2.49 25.51 -10.97
C ARG B 560 1.63 26.54 -11.70
N GLU B 561 0.50 26.09 -12.25
CA GLU B 561 -0.46 26.96 -12.92
C GLU B 561 -1.01 28.03 -11.97
N VAL B 562 -1.44 27.59 -10.80
CA VAL B 562 -1.90 28.50 -9.74
C VAL B 562 -0.81 29.53 -9.39
N GLU B 563 0.44 29.08 -9.28
CA GLU B 563 1.55 29.97 -8.96
C GLU B 563 1.81 30.99 -10.06
N GLN B 564 1.71 30.56 -11.31
CA GLN B 564 1.91 31.46 -12.45
C GLN B 564 0.79 32.57 -12.46
N LEU B 565 -0.43 32.21 -12.10
CA LEU B 565 -1.57 33.10 -12.25
C LEU B 565 -1.70 34.07 -11.08
N MET B 566 -1.32 33.62 -9.89
CA MET B 566 -1.61 34.35 -8.65
C MET B 566 -0.40 35.08 -8.10
N THR B 567 0.78 34.75 -8.58
CA THR B 567 2.02 35.43 -8.21
C THR B 567 2.90 35.45 -9.45
N PRO B 568 2.52 36.24 -10.47
CA PRO B 568 3.19 36.25 -11.78
C PRO B 568 4.56 36.97 -11.81
#